data_6WDQ
#
_entry.id   6WDQ
#
_cell.length_a   75.712
_cell.length_b   118.483
_cell.length_c   186.151
_cell.angle_alpha   90.000
_cell.angle_beta   90.000
_cell.angle_gamma   90.000
#
_symmetry.space_group_name_H-M   'P 2 21 21'
#
loop_
_entity.id
_entity.type
_entity.pdbx_description
1 polymer 'Interleukin-12 subunit beta'
2 polymer 'Interleukin-23 subunit alpha'
3 polymer 'Interleukin-23 receptor'
4 polymer 'Interleukin-12 receptor subunit beta-1'
5 branched beta-D-mannopyranose-(1-4)-2-acetamido-2-deoxy-beta-D-glucopyranose-(1-4)-2-acetamido-2-deoxy-beta-D-glucopyranose
6 branched 2-acetamido-2-deoxy-beta-D-glucopyranose-(1-4)-2-acetamido-2-deoxy-beta-D-glucopyranose
7 non-polymer 2-acetamido-2-deoxy-beta-D-glucopyranose
8 water water
#
loop_
_entity_poly.entity_id
_entity_poly.type
_entity_poly.pdbx_seq_one_letter_code
_entity_poly.pdbx_strand_id
1 'polypeptide(L)'
;VAIWELKKDVYVVELDWYPDAPGEMVVLTCDTPEEDGITWTLDQSSEVLGSGKTLTIQVKEFGDAGQYTCHKGGEVLSHS
LLLLHKKEDGIWSTDILKDQKEPKNKTFLRCEAKNYSGRFTCWWLTTISTDLTFSVKSSRGSSDPQGVTCGAATLSAERV
RGDNKEYEYSVECQEDSACPAAEESLPIEVMVDAVHKLKYENYTSSFFIRDIIKPDPPKNLQLKPLKNSRQVEVSWEYPD
TWSTPHSYFSLTFCVQVQGKSKREKKDRVFTDKTSATVICRKNASISVRAQDRYYSSSWSEWASVPCS
;
A
2 'polypeptide(L)'
;PAWTQCQQLSQKLCTLAWSAHPLVGHMDLREEGDEETTNDVPHIQCGDGCDPQGLRDNSQFCLQRIHQGLIFYEKLLGSD
IFTGEPSLLPDSPVGQLHASLLGLSQLLQPEGHHWETQQIPSLSPSQPWQRLLLRFKILRSLQAFVAVAARVFAHGAATL
SPGTKHHHHHH
;
B
3 'polypeptide(L)'
;GITNINCSGHIWVEPATIFKMGMNISIYCQAAIKNCQPRKLHFYKNGIKERFQITRINKTTARLWYKNFLEPHASMYCTA
ECPKHFQETLICGKDISSGYPPDIPDEVTCVIYEYSGNMTCTWNAGKLTYIDTKYVVHVKSLETEEEQQYLTSSYINIST
DSLQGGKKYLVWVQAANALGMEESKQLQIHLDDIVIPSAAVISRAETINATVPKTIIYWDSQTTIEKVSCEMRYKATTNQ
TWNVKEFDTNFTYVQQSEFYLEPNIKYVFQVRCQETGKRYWQPWSSPFFHKTPEIEGRGTKHHHHHH
;
C
4 'polypeptide(L)'
;SECCFQDPPYPDADSGSASGPRDLRCYRISSDRYECSWQYEGPTAGVSHFLRCCLSSGRCCYFAAGSATRLQFSDQAGVS
VLYTVTLWVESWARNQTEKSPEVTLQLYNSVKYEPPLGDIKVSKLAGQLRMEWETPDNQVGAEVQFRHRTPSSPWKLGDC
GPQDDDTESCLCPLEMNVAQEFQLRRRQLGSQGSSWSKWSSPVCVPPENPPQPHHHHHH
;
D
#
loop_
_chem_comp.id
_chem_comp.type
_chem_comp.name
_chem_comp.formula
BMA D-saccharide, beta linking beta-D-mannopyranose 'C6 H12 O6'
NAG D-saccharide, beta linking 2-acetamido-2-deoxy-beta-D-glucopyranose 'C8 H15 N O6'
#
# COMPACT_ATOMS: atom_id res chain seq x y z
N VAL A 1 0.57 -10.36 30.42
CA VAL A 1 -0.55 -11.08 31.00
C VAL A 1 -0.10 -12.37 31.68
N ALA A 2 -0.12 -13.49 30.95
CA ALA A 2 0.20 -14.79 31.51
C ALA A 2 1.72 -15.01 31.53
N ILE A 3 2.13 -16.17 32.04
CA ILE A 3 3.53 -16.58 32.04
C ILE A 3 3.64 -17.84 31.20
N TRP A 4 4.85 -18.08 30.69
CA TRP A 4 5.08 -19.20 29.78
C TRP A 4 6.47 -19.75 29.99
N GLU A 5 6.65 -21.01 29.60
CA GLU A 5 7.93 -21.71 29.73
C GLU A 5 8.69 -21.59 28.41
N LEU A 6 9.93 -21.08 28.49
CA LEU A 6 10.79 -21.01 27.31
C LEU A 6 11.42 -22.37 27.03
N LYS A 7 12.17 -22.90 28.00
CA LYS A 7 12.71 -24.24 27.92
C LYS A 7 12.72 -24.83 29.33
N LYS A 8 13.43 -25.95 29.50
CA LYS A 8 13.40 -26.67 30.78
C LYS A 8 13.88 -25.79 31.92
N ASP A 9 12.97 -25.52 32.86
CA ASP A 9 13.26 -24.74 34.07
C ASP A 9 13.63 -23.29 33.74
N VAL A 10 13.12 -22.76 32.64
CA VAL A 10 13.32 -21.37 32.27
C VAL A 10 11.96 -20.79 31.90
N TYR A 11 11.58 -19.70 32.57
CA TYR A 11 10.25 -19.11 32.41
C TYR A 11 10.36 -17.63 32.08
N VAL A 12 9.42 -17.15 31.30
CA VAL A 12 9.30 -15.74 30.94
C VAL A 12 7.99 -15.21 31.51
N VAL A 13 8.05 -14.06 32.18
CA VAL A 13 6.88 -13.44 32.77
C VAL A 13 6.62 -12.11 32.08
N GLU A 14 5.40 -11.94 31.59
CA GLU A 14 5.02 -10.72 30.90
C GLU A 14 4.71 -9.63 31.91
N LEU A 15 5.28 -8.45 31.71
CA LEU A 15 5.15 -7.34 32.65
C LEU A 15 4.78 -6.07 31.89
N ASP A 16 3.63 -5.51 32.24
CA ASP A 16 3.30 -4.15 31.79
C ASP A 16 4.26 -3.18 32.46
N TRP A 17 4.94 -2.36 31.66
CA TRP A 17 5.96 -1.45 32.16
C TRP A 17 5.41 -0.03 32.10
N TYR A 18 5.14 0.55 33.28
CA TYR A 18 4.90 1.97 33.41
C TYR A 18 5.36 2.39 34.79
N PRO A 19 5.55 3.69 35.03
CA PRO A 19 6.04 4.13 36.34
C PRO A 19 5.07 3.78 37.46
N ASP A 20 5.64 3.50 38.63
CA ASP A 20 4.87 3.12 39.82
C ASP A 20 3.98 1.91 39.54
N ALA A 21 4.48 0.99 38.73
CA ALA A 21 3.71 -0.20 38.40
C ALA A 21 3.58 -1.11 39.61
N PRO A 22 2.45 -1.81 39.75
CA PRO A 22 2.37 -2.87 40.76
C PRO A 22 3.11 -4.12 40.35
N GLY A 23 3.43 -4.27 39.08
CA GLY A 23 4.03 -5.49 38.58
C GLY A 23 3.01 -6.62 38.51
N GLU A 24 3.52 -7.83 38.41
CA GLU A 24 2.69 -9.03 38.38
C GLU A 24 3.24 -9.99 39.43
N MET A 25 2.43 -10.29 40.45
CA MET A 25 2.83 -11.25 41.45
C MET A 25 3.04 -12.62 40.81
N VAL A 26 4.10 -13.30 41.23
CA VAL A 26 4.54 -14.55 40.60
C VAL A 26 4.57 -15.64 41.66
N VAL A 27 3.92 -16.76 41.35
CA VAL A 27 3.86 -17.91 42.25
C VAL A 27 4.83 -18.96 41.71
N LEU A 28 5.94 -19.17 42.42
CA LEU A 28 6.92 -20.18 42.08
C LEU A 28 6.81 -21.34 43.05
N THR A 29 6.94 -22.56 42.53
CA THR A 29 6.80 -23.77 43.32
C THR A 29 8.02 -24.66 43.12
N CYS A 30 8.59 -25.15 44.22
CA CYS A 30 9.74 -26.04 44.15
C CYS A 30 9.30 -27.44 43.73
N ASP A 31 10.12 -28.09 42.91
CA ASP A 31 9.81 -29.44 42.42
C ASP A 31 10.25 -30.47 43.47
N THR A 32 9.55 -30.44 44.59
CA THR A 32 9.78 -31.36 45.69
C THR A 32 8.54 -32.19 45.96
N PRO A 33 8.70 -33.50 46.15
CA PRO A 33 7.52 -34.34 46.42
C PRO A 33 6.92 -34.10 47.80
N GLU A 34 7.76 -33.86 48.81
CA GLU A 34 7.28 -33.67 50.17
C GLU A 34 8.34 -32.91 50.96
N GLU A 35 7.92 -31.86 51.65
CA GLU A 35 8.81 -31.09 52.51
C GLU A 35 7.98 -30.12 53.35
N ASP A 36 8.46 -29.85 54.57
CA ASP A 36 7.77 -28.96 55.49
C ASP A 36 8.60 -27.76 55.93
N GLY A 37 9.89 -27.72 55.57
CA GLY A 37 10.73 -26.59 55.95
C GLY A 37 11.63 -26.14 54.81
N ILE A 38 11.03 -25.58 53.77
CA ILE A 38 11.75 -25.22 52.55
C ILE A 38 12.17 -23.77 52.64
N THR A 39 13.47 -23.52 52.50
CA THR A 39 14.01 -22.17 52.35
C THR A 39 14.45 -21.97 50.90
N TRP A 40 14.51 -20.70 50.49
CA TRP A 40 14.78 -20.34 49.11
C TRP A 40 15.98 -19.42 49.04
N THR A 41 16.89 -19.70 48.11
CA THR A 41 18.12 -18.94 47.93
C THR A 41 18.25 -18.57 46.46
N LEU A 42 18.30 -17.28 46.16
CA LEU A 42 18.47 -16.83 44.78
C LEU A 42 19.96 -16.65 44.50
N ASP A 43 20.52 -17.56 43.69
CA ASP A 43 21.91 -17.51 43.29
C ASP A 43 22.85 -17.33 44.48
N GLN A 44 23.58 -16.22 44.50
CA GLN A 44 24.58 -15.99 45.53
C GLN A 44 23.96 -15.51 46.84
N SER A 45 22.80 -14.85 46.77
CA SER A 45 22.20 -14.10 47.87
C SER A 45 22.26 -14.84 49.19
N SER A 46 22.92 -14.22 50.18
CA SER A 46 22.96 -14.78 51.53
C SER A 46 21.65 -14.51 52.27
N GLU A 47 21.07 -13.33 52.09
CA GLU A 47 19.78 -13.02 52.70
C GLU A 47 18.72 -13.94 52.10
N VAL A 48 18.01 -14.66 52.97
CA VAL A 48 17.07 -15.68 52.56
C VAL A 48 15.73 -15.43 53.25
N LEU A 49 14.73 -15.04 52.48
CA LEU A 49 13.38 -14.86 52.99
C LEU A 49 12.45 -16.02 52.62
N GLY A 50 12.88 -16.88 51.69
CA GLY A 50 12.04 -17.97 51.23
C GLY A 50 11.59 -18.92 52.31
N SER A 51 10.30 -19.26 52.30
CA SER A 51 9.72 -20.18 53.27
C SER A 51 8.63 -20.98 52.59
N GLY A 52 8.55 -22.27 52.92
CA GLY A 52 7.50 -23.13 52.41
C GLY A 52 7.76 -23.63 51.01
N LYS A 53 6.88 -24.55 50.56
CA LYS A 53 7.03 -25.18 49.25
C LYS A 53 6.82 -24.18 48.12
N THR A 54 6.05 -23.12 48.36
CA THR A 54 5.78 -22.11 47.35
C THR A 54 6.26 -20.76 47.85
N LEU A 55 6.95 -20.02 47.00
CA LEU A 55 7.42 -18.68 47.31
C LEU A 55 6.84 -17.70 46.29
N THR A 56 6.24 -16.62 46.81
CA THR A 56 5.66 -15.58 45.98
C THR A 56 6.37 -14.27 46.26
N ILE A 57 7.04 -13.73 45.25
CA ILE A 57 7.67 -12.42 45.33
C ILE A 57 7.04 -11.52 44.27
N GLN A 58 6.86 -10.24 44.61
CA GLN A 58 6.21 -9.29 43.71
C GLN A 58 7.22 -8.88 42.65
N VAL A 59 7.11 -9.47 41.46
CA VAL A 59 8.00 -9.12 40.36
C VAL A 59 7.58 -7.77 39.80
N LYS A 60 8.44 -6.76 40.00
CA LYS A 60 8.17 -5.41 39.52
C LYS A 60 9.44 -4.70 39.06
N GLU A 61 10.55 -5.43 38.92
CA GLU A 61 11.83 -4.88 38.49
C GLU A 61 12.73 -6.05 38.13
N PHE A 62 13.84 -5.76 37.44
CA PHE A 62 14.78 -6.80 37.07
C PHE A 62 15.41 -7.46 38.28
N GLY A 63 15.48 -6.75 39.40
CA GLY A 63 16.10 -7.31 40.59
C GLY A 63 15.39 -8.54 41.12
N ASP A 64 14.10 -8.66 40.83
CA ASP A 64 13.33 -9.84 41.26
C ASP A 64 13.49 -11.02 40.32
N ALA A 65 14.13 -10.85 39.18
CA ALA A 65 14.39 -11.94 38.26
C ALA A 65 15.75 -12.58 38.53
N GLY A 66 16.01 -13.68 37.84
CA GLY A 66 17.25 -14.41 37.98
C GLY A 66 16.98 -15.87 38.25
N GLN A 67 18.01 -16.57 38.71
CA GLN A 67 17.91 -18.00 39.00
C GLN A 67 17.54 -18.17 40.48
N TYR A 68 16.30 -18.59 40.72
CA TYR A 68 15.83 -18.88 42.06
C TYR A 68 16.02 -20.36 42.35
N THR A 69 16.58 -20.68 43.51
CA THR A 69 16.91 -22.05 43.87
C THR A 69 16.28 -22.41 45.20
N CYS A 70 15.79 -23.65 45.29
CA CYS A 70 15.17 -24.19 46.49
C CYS A 70 15.82 -25.54 46.79
N HIS A 71 16.60 -25.59 47.87
CA HIS A 71 17.31 -26.79 48.27
C HIS A 71 16.84 -27.22 49.64
N LYS A 72 16.41 -28.48 49.75
CA LYS A 72 15.89 -29.05 50.99
C LYS A 72 16.94 -29.95 51.62
N GLY A 73 17.15 -29.77 52.93
CA GLY A 73 18.10 -30.60 53.65
C GLY A 73 19.52 -30.52 53.15
N GLY A 74 19.94 -29.35 52.66
CA GLY A 74 21.27 -29.18 52.13
C GLY A 74 21.51 -29.76 50.75
N GLU A 75 20.48 -30.29 50.10
CA GLU A 75 20.59 -30.86 48.77
C GLU A 75 19.72 -30.05 47.81
N VAL A 76 20.27 -29.69 46.66
CA VAL A 76 19.56 -28.86 45.70
C VAL A 76 18.51 -29.72 44.98
N LEU A 77 17.25 -29.32 45.11
CA LEU A 77 16.17 -30.07 44.48
C LEU A 77 15.99 -29.67 43.02
N SER A 78 15.89 -28.37 42.75
CA SER A 78 15.76 -27.88 41.39
C SER A 78 16.08 -26.39 41.37
N HIS A 79 16.27 -25.88 40.16
CA HIS A 79 16.48 -24.46 39.92
C HIS A 79 15.30 -23.88 39.16
N SER A 80 15.29 -22.56 39.03
CA SER A 80 14.23 -21.87 38.29
C SER A 80 14.75 -20.51 37.86
N LEU A 81 14.82 -20.28 36.55
CA LEU A 81 15.33 -19.04 35.99
C LEU A 81 14.17 -18.21 35.47
N LEU A 82 14.08 -16.96 35.92
CA LEU A 82 13.00 -16.05 35.54
C LEU A 82 13.55 -14.96 34.64
N LEU A 83 12.92 -14.79 33.47
CA LEU A 83 13.22 -13.70 32.55
C LEU A 83 12.05 -12.75 32.47
N LEU A 84 12.34 -11.51 32.10
CA LEU A 84 11.33 -10.46 31.98
C LEU A 84 11.07 -10.16 30.51
N HIS A 85 9.80 -10.04 30.15
CA HIS A 85 9.40 -9.58 28.82
C HIS A 85 8.74 -8.22 28.99
N LYS A 86 9.47 -7.17 28.64
CA LYS A 86 9.06 -5.80 28.93
C LYS A 86 7.97 -5.36 27.96
N LYS A 87 6.79 -5.05 28.50
CA LYS A 87 5.69 -4.47 27.73
C LYS A 87 5.51 -3.02 28.16
N GLU A 88 5.59 -2.10 27.21
CA GLU A 88 5.58 -0.67 27.50
C GLU A 88 4.47 0.01 26.70
N ASP A 89 3.38 0.36 27.38
CA ASP A 89 2.23 1.01 26.75
C ASP A 89 1.70 0.18 25.59
N GLY A 90 1.63 -1.13 25.79
CA GLY A 90 1.16 -2.03 24.75
C GLY A 90 2.16 -2.37 23.69
N ILE A 91 3.44 -2.08 23.90
CA ILE A 91 4.49 -2.31 22.91
C ILE A 91 5.55 -3.20 23.53
N TRP A 92 5.90 -4.28 22.85
CA TRP A 92 6.96 -5.16 23.31
C TRP A 92 8.31 -4.48 23.12
N SER A 93 9.21 -4.70 24.07
CA SER A 93 10.51 -4.03 24.06
C SER A 93 11.38 -4.55 22.91
N THR A 94 12.13 -3.63 22.31
CA THR A 94 13.04 -3.95 21.21
C THR A 94 14.38 -3.23 21.43
N ASP A 95 14.99 -3.48 22.59
CA ASP A 95 16.26 -2.85 22.94
C ASP A 95 17.47 -3.64 22.45
N ILE A 96 17.35 -4.97 22.38
CA ILE A 96 18.49 -5.80 22.01
C ILE A 96 18.86 -5.57 20.55
N LEU A 97 17.90 -5.73 19.65
CA LEU A 97 18.18 -5.60 18.23
C LEU A 97 18.11 -4.14 17.79
N LYS A 98 18.70 -3.86 16.63
CA LYS A 98 18.80 -2.52 16.08
C LYS A 98 17.93 -2.39 14.84
N ASP A 99 17.38 -1.21 14.63
CA ASP A 99 16.55 -0.95 13.47
C ASP A 99 17.42 -0.89 12.22
N GLN A 100 17.17 -1.81 11.28
CA GLN A 100 17.97 -1.84 10.06
C GLN A 100 17.50 -0.83 9.01
N LYS A 101 16.30 -0.29 9.16
CA LYS A 101 15.79 0.77 8.28
C LYS A 101 15.62 0.27 6.85
N GLU A 102 15.97 -0.98 6.59
CA GLU A 102 15.91 -1.55 5.25
C GLU A 102 15.04 -2.81 5.26
N PRO A 103 14.07 -2.92 4.34
CA PRO A 103 13.83 -1.86 3.36
C PRO A 103 12.96 -0.72 3.90
N LYS A 104 12.12 -1.01 4.90
CA LYS A 104 11.35 0.02 5.57
C LYS A 104 11.77 0.10 7.04
N ASN A 105 11.05 0.91 7.80
CA ASN A 105 11.32 1.07 9.22
C ASN A 105 11.04 -0.22 9.98
N LYS A 106 11.71 -0.35 11.13
CA LYS A 106 11.44 -1.42 12.11
C LYS A 106 11.65 -2.80 11.50
N THR A 107 12.72 -2.95 10.71
CA THR A 107 13.04 -4.23 10.08
C THR A 107 14.23 -4.83 10.83
N PHE A 108 13.92 -5.51 11.94
CA PHE A 108 14.97 -6.07 12.78
C PHE A 108 15.56 -7.33 12.18
N LEU A 109 14.74 -8.19 11.58
CA LEU A 109 15.20 -9.41 10.94
C LEU A 109 15.23 -9.20 9.43
N ARG A 110 16.38 -9.45 8.82
CA ARG A 110 16.58 -9.30 7.40
C ARG A 110 17.24 -10.57 6.86
N CYS A 111 16.73 -11.08 5.74
CA CYS A 111 17.15 -12.37 5.22
C CYS A 111 17.44 -12.29 3.74
N GLU A 112 18.44 -13.06 3.30
CA GLU A 112 18.85 -13.12 1.90
C GLU A 112 18.98 -14.57 1.47
N ALA A 113 18.92 -14.78 0.15
CA ALA A 113 19.10 -16.09 -0.45
C ALA A 113 19.88 -15.92 -1.74
N LYS A 114 20.98 -16.66 -1.87
CA LYS A 114 21.81 -16.60 -3.06
C LYS A 114 21.26 -17.39 -4.22
N ASN A 115 20.20 -18.18 -4.00
CA ASN A 115 19.61 -19.01 -5.04
C ASN A 115 18.26 -19.52 -4.53
N TYR A 116 17.63 -20.38 -5.33
CA TYR A 116 16.34 -20.98 -5.00
C TYR A 116 16.47 -22.30 -4.24
N SER A 117 17.69 -22.72 -3.90
CA SER A 117 17.91 -24.05 -3.34
C SER A 117 17.21 -24.27 -2.00
N GLY A 118 16.74 -23.21 -1.34
CA GLY A 118 16.13 -23.35 -0.04
C GLY A 118 17.02 -22.98 1.13
N ARG A 119 18.28 -22.63 0.87
CA ARG A 119 19.17 -22.15 1.91
C ARG A 119 19.12 -20.63 1.95
N PHE A 120 18.91 -20.08 3.14
CA PHE A 120 18.89 -18.63 3.32
C PHE A 120 19.62 -18.28 4.60
N THR A 121 19.93 -17.00 4.74
CA THR A 121 20.71 -16.49 5.88
C THR A 121 20.03 -15.24 6.41
N CYS A 122 19.58 -15.30 7.66
CA CYS A 122 18.98 -14.15 8.32
C CYS A 122 19.98 -13.57 9.31
N TRP A 123 20.02 -12.24 9.39
CA TRP A 123 21.00 -11.55 10.23
C TRP A 123 20.33 -10.40 10.96
N TRP A 124 20.96 -9.97 12.05
CA TRP A 124 20.48 -8.85 12.85
C TRP A 124 21.68 -8.10 13.41
N LEU A 125 21.39 -7.00 14.11
CA LEU A 125 22.42 -6.15 14.69
C LEU A 125 22.10 -5.90 16.16
N THR A 126 23.15 -5.63 16.94
CA THR A 126 23.00 -5.31 18.34
C THR A 126 24.17 -4.43 18.77
N THR A 127 23.97 -3.70 19.87
CA THR A 127 24.97 -2.77 20.38
C THR A 127 25.66 -3.28 21.64
N ILE A 128 25.40 -4.53 22.03
CA ILE A 128 26.03 -5.14 23.20
C ILE A 128 26.80 -6.37 22.72
N SER A 129 27.73 -6.85 23.56
CA SER A 129 28.58 -7.98 23.23
C SER A 129 28.58 -9.10 24.25
N THR A 130 28.16 -8.87 25.49
CA THR A 130 28.24 -9.85 26.56
C THR A 130 26.85 -10.22 27.06
N ASP A 131 26.78 -11.37 27.73
CA ASP A 131 25.54 -11.86 28.36
C ASP A 131 24.40 -11.96 27.34
N LEU A 132 24.73 -12.30 26.10
CA LEU A 132 23.78 -12.31 25.01
C LEU A 132 23.63 -13.72 24.47
N THR A 133 22.38 -14.12 24.23
CA THR A 133 22.07 -15.46 23.71
C THR A 133 20.89 -15.35 22.76
N PHE A 134 21.01 -16.02 21.62
CA PHE A 134 19.95 -16.04 20.62
C PHE A 134 19.47 -17.47 20.38
N SER A 135 18.25 -17.58 19.87
CA SER A 135 17.64 -18.88 19.58
C SER A 135 16.73 -18.72 18.37
N VAL A 136 17.01 -19.46 17.31
CA VAL A 136 16.32 -19.31 16.04
C VAL A 136 15.64 -20.63 15.68
N LYS A 137 14.34 -20.56 15.39
CA LYS A 137 13.58 -21.70 14.89
C LYS A 137 12.70 -21.20 13.75
N SER A 138 12.50 -22.05 12.75
CA SER A 138 11.77 -21.61 11.56
C SER A 138 11.06 -22.78 10.91
N SER A 139 10.11 -22.45 10.03
CA SER A 139 9.32 -23.42 9.29
C SER A 139 8.63 -22.69 8.14
N ARG A 140 7.92 -23.44 7.32
CA ARG A 140 7.11 -22.89 6.24
C ARG A 140 5.64 -23.09 6.58
N GLY A 141 4.88 -21.99 6.60
CA GLY A 141 3.49 -22.04 6.97
C GLY A 141 3.29 -22.14 8.47
N SER A 142 2.11 -21.72 8.92
CA SER A 142 1.77 -21.71 10.34
C SER A 142 0.81 -22.82 10.72
N SER A 143 -0.19 -23.12 9.88
CA SER A 143 -1.17 -24.14 10.18
C SER A 143 -0.52 -25.52 10.25
N ASP A 144 -0.15 -26.07 9.10
CA ASP A 144 0.58 -27.33 9.03
C ASP A 144 2.00 -27.05 8.60
N PRO A 145 2.90 -26.70 9.52
CA PRO A 145 4.22 -26.20 9.13
C PRO A 145 5.11 -27.32 8.61
N GLN A 146 5.85 -27.00 7.55
CA GLN A 146 6.85 -27.89 6.99
C GLN A 146 8.19 -27.69 7.71
N GLY A 147 9.11 -28.62 7.48
CA GLY A 147 10.35 -28.63 8.23
C GLY A 147 11.37 -27.63 7.70
N VAL A 148 11.97 -26.87 8.61
CA VAL A 148 13.07 -25.96 8.29
C VAL A 148 14.09 -26.07 9.41
N THR A 149 15.33 -26.44 9.07
CA THR A 149 16.40 -26.61 10.05
C THR A 149 17.33 -25.41 9.99
N CYS A 150 17.60 -24.81 11.15
CA CYS A 150 18.46 -23.65 11.25
C CYS A 150 19.68 -23.97 12.10
N GLY A 151 20.82 -23.38 11.72
CA GLY A 151 22.05 -23.55 12.47
C GLY A 151 22.08 -22.71 13.73
N ALA A 152 23.28 -22.33 14.14
CA ALA A 152 23.47 -21.55 15.35
C ALA A 152 23.77 -20.09 14.99
N ALA A 153 23.29 -19.18 15.83
CA ALA A 153 23.59 -17.77 15.66
C ALA A 153 25.04 -17.50 16.07
N THR A 154 25.79 -16.86 15.17
CA THR A 154 27.20 -16.62 15.39
C THR A 154 27.56 -15.20 14.98
N LEU A 155 28.58 -14.66 15.64
CA LEU A 155 29.14 -13.37 15.25
C LEU A 155 29.74 -13.47 13.85
N SER A 156 29.28 -12.60 12.95
CA SER A 156 29.79 -12.57 11.58
C SER A 156 30.61 -11.33 11.28
N ALA A 157 30.23 -10.17 11.82
CA ALA A 157 30.92 -8.93 11.55
C ALA A 157 30.93 -8.07 12.80
N GLU A 158 31.88 -7.13 12.84
CA GLU A 158 32.01 -6.19 13.95
C GLU A 158 32.63 -4.91 13.41
N ARG A 159 31.86 -3.82 13.40
CA ARG A 159 32.29 -2.56 12.82
C ARG A 159 32.11 -1.45 13.84
N VAL A 160 32.41 -0.22 13.40
CA VAL A 160 32.31 0.97 14.23
C VAL A 160 31.24 1.88 13.66
N ARG A 161 30.47 2.52 14.53
CA ARG A 161 29.50 3.54 14.15
C ARG A 161 30.00 4.89 14.70
N GLY A 162 29.17 5.68 15.36
CA GLY A 162 29.61 6.97 15.85
C GLY A 162 30.54 6.87 17.05
N ASP A 163 30.02 6.35 18.16
CA ASP A 163 30.78 6.26 19.39
C ASP A 163 30.91 4.84 19.95
N ASN A 164 30.24 3.85 19.36
CA ASN A 164 30.26 2.49 19.89
C ASN A 164 30.51 1.51 18.76
N LYS A 165 30.57 0.22 19.11
CA LYS A 165 30.74 -0.85 18.16
C LYS A 165 29.39 -1.47 17.83
N GLU A 166 29.22 -1.86 16.57
CA GLU A 166 28.00 -2.52 16.10
C GLU A 166 28.30 -3.98 15.81
N TYR A 167 27.49 -4.88 16.37
CA TYR A 167 27.73 -6.31 16.29
C TYR A 167 26.69 -6.97 15.41
N GLU A 168 27.16 -7.78 14.47
CA GLU A 168 26.30 -8.41 13.47
C GLU A 168 26.28 -9.91 13.71
N TYR A 169 25.08 -10.45 13.92
CA TYR A 169 24.87 -11.88 14.11
C TYR A 169 24.13 -12.43 12.90
N SER A 170 24.34 -13.72 12.62
CA SER A 170 23.74 -14.34 11.45
C SER A 170 23.54 -15.83 11.73
N VAL A 171 22.58 -16.42 11.00
CA VAL A 171 22.28 -17.84 11.13
C VAL A 171 21.98 -18.41 9.75
N GLU A 172 22.37 -19.66 9.55
CA GLU A 172 22.13 -20.37 8.29
C GLU A 172 20.96 -21.33 8.48
N CYS A 173 20.00 -21.28 7.57
CA CYS A 173 18.82 -22.12 7.62
C CYS A 173 18.64 -22.85 6.30
N GLN A 174 18.08 -24.06 6.38
CA GLN A 174 17.86 -24.90 5.21
C GLN A 174 16.50 -25.56 5.33
N GLU A 175 15.69 -25.45 4.27
CA GLU A 175 14.42 -26.15 4.24
C GLU A 175 14.68 -27.64 4.05
N ASP A 176 14.02 -28.46 4.88
CA ASP A 176 14.27 -29.90 4.85
C ASP A 176 13.98 -30.48 3.46
N SER A 177 12.81 -30.16 2.92
CA SER A 177 12.43 -30.57 1.57
C SER A 177 12.11 -29.31 0.77
N ALA A 178 13.07 -28.84 -0.01
CA ALA A 178 12.94 -27.60 -0.76
C ALA A 178 12.45 -27.89 -2.18
N CYS A 179 11.65 -26.97 -2.70
CA CYS A 179 11.11 -27.07 -4.06
C CYS A 179 11.41 -25.76 -4.77
N PRO A 180 12.59 -25.65 -5.39
CA PRO A 180 12.97 -24.36 -5.99
C PRO A 180 12.09 -23.95 -7.16
N ALA A 181 11.67 -24.90 -7.99
CA ALA A 181 10.89 -24.56 -9.17
C ALA A 181 9.44 -24.21 -8.83
N ALA A 182 8.94 -24.64 -7.68
CA ALA A 182 7.53 -24.48 -7.36
C ALA A 182 7.19 -23.02 -7.07
N GLU A 183 5.95 -22.65 -7.40
CA GLU A 183 5.42 -21.33 -7.06
C GLU A 183 4.96 -21.36 -5.60
N GLU A 184 5.66 -20.62 -4.75
CA GLU A 184 5.40 -20.69 -3.32
C GLU A 184 4.05 -20.08 -2.98
N SER A 185 3.33 -20.75 -2.08
CA SER A 185 2.06 -20.27 -1.56
C SER A 185 2.11 -19.96 -0.07
N LEU A 186 2.81 -20.78 0.72
CA LEU A 186 2.96 -20.56 2.15
C LEU A 186 4.32 -19.94 2.43
N PRO A 187 4.37 -18.87 3.21
CA PRO A 187 5.65 -18.19 3.45
C PRO A 187 6.50 -18.92 4.49
N ILE A 188 7.78 -18.56 4.49
CA ILE A 188 8.71 -19.04 5.52
C ILE A 188 8.56 -18.18 6.76
N GLU A 189 8.48 -18.81 7.92
CA GLU A 189 8.32 -18.13 9.20
C GLU A 189 9.60 -18.28 10.01
N VAL A 190 10.28 -17.17 10.27
CA VAL A 190 11.51 -17.17 11.06
C VAL A 190 11.20 -16.50 12.39
N MET A 191 11.48 -17.21 13.49
CA MET A 191 11.20 -16.74 14.83
C MET A 191 12.50 -16.76 15.64
N VAL A 192 12.89 -15.61 16.17
CA VAL A 192 14.15 -15.46 16.89
C VAL A 192 13.84 -15.02 18.32
N ASP A 193 14.32 -15.81 19.29
CA ASP A 193 14.24 -15.45 20.70
C ASP A 193 15.59 -14.86 21.12
N ALA A 194 15.53 -13.75 21.86
CA ALA A 194 16.73 -13.04 22.28
C ALA A 194 16.68 -12.82 23.78
N VAL A 195 17.80 -13.08 24.46
CA VAL A 195 17.91 -12.91 25.90
C VAL A 195 19.20 -12.15 26.20
N HIS A 196 19.08 -10.96 26.77
CA HIS A 196 20.21 -10.16 27.22
C HIS A 196 20.15 -10.09 28.75
N LYS A 197 21.12 -10.72 29.41
CA LYS A 197 21.11 -10.87 30.86
C LYS A 197 19.81 -11.52 31.31
N LEU A 198 18.88 -10.73 31.84
CA LEU A 198 17.56 -11.22 32.26
C LEU A 198 16.43 -10.63 31.44
N LYS A 199 16.74 -9.99 30.32
CA LYS A 199 15.74 -9.36 29.46
C LYS A 199 15.48 -10.25 28.25
N TYR A 200 14.22 -10.64 28.05
CA TYR A 200 13.83 -11.48 26.93
C TYR A 200 12.99 -10.69 25.94
N GLU A 201 13.22 -10.93 24.66
CA GLU A 201 12.45 -10.34 23.57
C GLU A 201 12.33 -11.38 22.46
N ASN A 202 11.30 -11.24 21.63
CA ASN A 202 11.14 -12.11 20.46
C ASN A 202 10.79 -11.28 19.23
N TYR A 203 11.32 -11.72 18.08
CA TYR A 203 11.11 -11.07 16.80
C TYR A 203 10.58 -12.10 15.81
N THR A 204 10.08 -11.61 14.68
CA THR A 204 9.53 -12.48 13.66
C THR A 204 9.70 -11.83 12.29
N SER A 205 9.60 -12.65 11.24
CA SER A 205 9.73 -12.19 9.87
C SER A 205 9.12 -13.23 8.94
N SER A 206 8.29 -12.78 8.00
CA SER A 206 7.65 -13.65 7.02
C SER A 206 8.07 -13.21 5.62
N PHE A 207 8.27 -14.19 4.74
CA PHE A 207 8.73 -13.91 3.39
C PHE A 207 8.62 -15.18 2.56
N PHE A 208 8.54 -14.98 1.25
CA PHE A 208 8.78 -16.05 0.29
C PHE A 208 10.25 -16.04 -0.12
N ILE A 209 10.73 -17.21 -0.57
CA ILE A 209 12.12 -17.31 -0.97
C ILE A 209 12.39 -16.44 -2.20
N ARG A 210 11.42 -16.36 -3.11
CA ARG A 210 11.61 -15.59 -4.33
C ARG A 210 11.77 -14.10 -4.08
N ASP A 211 11.27 -13.59 -2.96
CA ASP A 211 11.34 -12.16 -2.65
C ASP A 211 12.61 -11.75 -1.94
N ILE A 212 13.38 -12.70 -1.41
CA ILE A 212 14.59 -12.39 -0.67
C ILE A 212 15.84 -12.82 -1.45
N ILE A 213 15.71 -13.03 -2.75
CA ILE A 213 16.81 -13.58 -3.55
C ILE A 213 17.72 -12.46 -4.01
N LYS A 214 19.00 -12.61 -3.74
CA LYS A 214 20.03 -11.63 -4.11
C LYS A 214 21.22 -12.40 -4.64
N PRO A 215 21.34 -12.55 -5.96
CA PRO A 215 22.42 -13.39 -6.51
C PRO A 215 23.79 -12.83 -6.20
N ASP A 216 24.78 -13.72 -6.23
CA ASP A 216 26.16 -13.31 -6.02
C ASP A 216 26.66 -12.56 -7.25
N PRO A 217 27.69 -11.72 -7.09
CA PRO A 217 28.17 -10.90 -8.21
C PRO A 217 28.61 -11.74 -9.39
N PRO A 218 28.67 -11.16 -10.59
CA PRO A 218 29.09 -11.92 -11.77
C PRO A 218 30.49 -12.48 -11.61
N LYS A 219 30.77 -13.54 -12.37
CA LYS A 219 31.99 -14.31 -12.25
C LYS A 219 32.87 -14.09 -13.48
N ASN A 220 34.18 -14.00 -13.24
CA ASN A 220 35.20 -13.89 -14.29
C ASN A 220 34.88 -12.73 -15.24
N LEU A 221 35.04 -11.52 -14.71
CA LEU A 221 34.83 -10.31 -15.48
C LEU A 221 36.15 -9.89 -16.14
N GLN A 222 36.10 -9.70 -17.46
CA GLN A 222 37.30 -9.37 -18.21
C GLN A 222 36.95 -8.43 -19.35
N LEU A 223 37.97 -7.75 -19.87
CA LEU A 223 37.84 -6.81 -20.97
C LEU A 223 38.78 -7.21 -22.10
N LYS A 224 38.43 -6.78 -23.32
CA LYS A 224 39.25 -6.99 -24.50
C LYS A 224 38.95 -5.91 -25.52
N PRO A 225 39.96 -5.34 -26.18
CA PRO A 225 39.72 -4.20 -27.07
C PRO A 225 39.07 -4.61 -28.38
N LEU A 226 38.62 -3.58 -29.11
CA LEU A 226 38.09 -3.70 -30.46
C LEU A 226 38.81 -2.68 -31.32
N LYS A 227 39.56 -3.15 -32.32
CA LYS A 227 40.43 -2.24 -33.06
C LYS A 227 39.65 -1.23 -33.90
N ASN A 228 38.45 -1.59 -34.34
CA ASN A 228 37.71 -0.73 -35.28
C ASN A 228 37.52 0.67 -34.72
N SER A 229 37.00 0.78 -33.50
CA SER A 229 36.68 2.08 -32.92
C SER A 229 37.14 2.21 -31.47
N ARG A 230 38.08 1.36 -31.03
CA ARG A 230 38.58 1.40 -29.65
C ARG A 230 37.43 1.26 -28.66
N GLN A 231 36.46 0.43 -29.00
CA GLN A 231 35.44 0.02 -28.05
C GLN A 231 35.88 -1.26 -27.34
N VAL A 232 35.20 -1.59 -26.24
CA VAL A 232 35.60 -2.70 -25.40
C VAL A 232 34.48 -3.73 -25.36
N GLU A 233 34.85 -5.00 -25.43
CA GLU A 233 33.92 -6.13 -25.28
C GLU A 233 34.08 -6.68 -23.88
N VAL A 234 33.05 -6.53 -23.06
CA VAL A 234 33.06 -7.02 -21.69
C VAL A 234 32.52 -8.45 -21.67
N SER A 235 33.10 -9.30 -20.82
CA SER A 235 32.71 -10.69 -20.74
C SER A 235 32.67 -11.12 -19.28
N TRP A 236 31.60 -11.84 -18.92
CA TRP A 236 31.43 -12.33 -17.56
C TRP A 236 30.73 -13.68 -17.61
N GLU A 237 30.53 -14.27 -16.44
CA GLU A 237 29.88 -15.57 -16.33
C GLU A 237 28.89 -15.55 -15.17
N TYR A 238 28.05 -16.58 -15.12
CA TYR A 238 27.11 -16.72 -14.01
C TYR A 238 27.85 -17.08 -12.73
N PRO A 239 27.38 -16.60 -11.58
CA PRO A 239 28.03 -16.96 -10.32
C PRO A 239 27.78 -18.42 -9.95
N ASP A 240 28.76 -19.01 -9.26
CA ASP A 240 28.68 -20.42 -8.91
C ASP A 240 27.53 -20.70 -7.96
N THR A 241 27.29 -19.79 -7.01
CA THR A 241 26.24 -19.99 -6.02
C THR A 241 24.84 -19.92 -6.61
N TRP A 242 24.69 -19.49 -7.87
CA TRP A 242 23.38 -19.40 -8.47
C TRP A 242 22.84 -20.79 -8.81
N SER A 243 21.51 -20.89 -8.86
CA SER A 243 20.85 -22.16 -9.11
C SER A 243 21.17 -22.68 -10.51
N THR A 244 21.04 -23.99 -10.68
CA THR A 244 21.33 -24.69 -11.91
C THR A 244 20.12 -25.52 -12.33
N PRO A 245 19.91 -25.71 -13.65
CA PRO A 245 20.74 -25.22 -14.75
C PRO A 245 20.49 -23.75 -15.09
N HIS A 246 21.37 -23.18 -15.90
CA HIS A 246 21.24 -21.77 -16.27
C HIS A 246 20.24 -21.56 -17.40
N SER A 247 19.89 -22.62 -18.14
CA SER A 247 18.85 -22.52 -19.16
C SER A 247 17.46 -22.40 -18.55
N TYR A 248 17.32 -22.62 -17.25
CA TYR A 248 16.05 -22.50 -16.54
C TYR A 248 16.02 -21.32 -15.57
N PHE A 249 17.12 -21.07 -14.87
CA PHE A 249 17.22 -19.94 -13.94
C PHE A 249 18.01 -18.82 -14.62
N SER A 250 17.34 -18.11 -15.52
CA SER A 250 17.98 -17.07 -16.30
C SER A 250 18.22 -15.82 -15.46
N LEU A 251 19.07 -14.93 -15.98
CA LEU A 251 19.42 -13.70 -15.29
C LEU A 251 19.48 -12.56 -16.29
N THR A 252 19.38 -11.33 -15.76
CA THR A 252 19.53 -10.11 -16.53
C THR A 252 20.61 -9.26 -15.87
N PHE A 253 21.40 -8.57 -16.67
CA PHE A 253 22.56 -7.84 -16.20
C PHE A 253 22.45 -6.36 -16.52
N CYS A 254 23.29 -5.56 -15.85
CA CYS A 254 23.33 -4.12 -16.03
C CYS A 254 24.78 -3.68 -16.05
N VAL A 255 25.21 -3.05 -17.15
CA VAL A 255 26.60 -2.67 -17.36
C VAL A 255 26.68 -1.15 -17.42
N GLN A 256 27.62 -0.57 -16.69
CA GLN A 256 27.78 0.88 -16.64
C GLN A 256 29.25 1.24 -16.67
N VAL A 257 29.52 2.47 -17.10
CA VAL A 257 30.87 3.02 -17.21
C VAL A 257 31.01 4.15 -16.20
N GLN A 258 32.03 4.05 -15.35
CA GLN A 258 32.32 5.07 -14.35
C GLN A 258 33.81 5.40 -14.39
N GLY A 259 34.12 6.69 -14.44
CA GLY A 259 35.51 7.11 -14.61
C GLY A 259 36.01 8.12 -13.59
N LYS A 260 35.96 7.77 -12.30
CA LYS A 260 36.47 8.61 -11.22
C LYS A 260 35.86 10.01 -11.27
N SER A 261 34.61 10.10 -11.73
CA SER A 261 33.93 11.39 -11.85
C SER A 261 32.46 11.13 -12.11
N LYS A 262 31.63 12.10 -11.71
CA LYS A 262 30.18 12.05 -11.92
C LYS A 262 29.56 10.80 -11.29
N ASP A 267 25.16 5.82 -18.80
CA ASP A 267 26.16 4.82 -19.18
C ASP A 267 25.67 3.40 -18.89
N ARG A 268 24.45 3.29 -18.36
CA ARG A 268 23.88 2.00 -18.01
C ARG A 268 23.20 1.38 -19.21
N VAL A 269 23.46 0.09 -19.44
CA VAL A 269 22.82 -0.68 -20.50
C VAL A 269 22.42 -2.03 -19.93
N PHE A 270 21.22 -2.49 -20.31
CA PHE A 270 20.70 -3.77 -19.85
C PHE A 270 20.73 -4.78 -20.99
N THR A 271 20.99 -6.04 -20.65
CA THR A 271 21.02 -7.10 -21.64
C THR A 271 20.86 -8.45 -20.93
N ASP A 272 20.35 -9.43 -21.68
CA ASP A 272 20.25 -10.79 -21.19
C ASP A 272 21.43 -11.66 -21.60
N LYS A 273 22.28 -11.17 -22.50
CA LYS A 273 23.44 -11.92 -22.94
C LYS A 273 24.59 -11.75 -21.93
N THR A 274 25.60 -12.60 -22.08
CA THR A 274 26.75 -12.62 -21.17
C THR A 274 27.92 -11.79 -21.68
N SER A 275 27.67 -10.84 -22.56
CA SER A 275 28.71 -9.94 -23.05
C SER A 275 28.05 -8.65 -23.52
N ALA A 276 28.88 -7.62 -23.73
CA ALA A 276 28.38 -6.33 -24.15
C ALA A 276 29.54 -5.48 -24.64
N THR A 277 29.21 -4.43 -25.40
CA THR A 277 30.19 -3.50 -25.92
C THR A 277 29.96 -2.13 -25.29
N VAL A 278 31.04 -1.52 -24.78
CA VAL A 278 31.01 -0.21 -24.15
C VAL A 278 32.20 0.60 -24.65
N ILE A 279 32.33 1.82 -24.12
CA ILE A 279 33.40 2.74 -24.49
C ILE A 279 34.19 3.07 -23.23
N CYS A 280 35.51 2.92 -23.29
CA CYS A 280 36.37 3.19 -22.15
C CYS A 280 36.91 4.62 -22.19
N ARG A 281 37.22 5.15 -21.01
CA ARG A 281 37.80 6.47 -20.85
C ARG A 281 38.96 6.39 -19.87
N LYS A 282 39.59 7.54 -19.61
CA LYS A 282 40.78 7.58 -18.78
C LYS A 282 40.45 7.24 -17.34
N ASN A 283 41.15 6.25 -16.78
CA ASN A 283 40.97 5.79 -15.41
C ASN A 283 39.48 5.53 -15.12
N ALA A 284 38.84 4.83 -16.05
CA ALA A 284 37.44 4.46 -15.91
C ALA A 284 37.31 2.99 -15.51
N SER A 285 36.17 2.66 -14.92
CA SER A 285 35.92 1.32 -14.41
C SER A 285 34.56 0.83 -14.89
N ILE A 286 34.52 -0.41 -15.38
CA ILE A 286 33.30 -1.03 -15.87
C ILE A 286 32.80 -2.00 -14.80
N SER A 287 31.50 -1.94 -14.50
CA SER A 287 30.91 -2.77 -13.46
C SER A 287 29.58 -3.33 -13.95
N VAL A 288 29.22 -4.51 -13.43
CA VAL A 288 28.03 -5.24 -13.85
C VAL A 288 27.30 -5.79 -12.64
N ARG A 289 25.98 -5.68 -12.63
CA ARG A 289 25.11 -6.28 -11.64
C ARG A 289 24.34 -7.44 -12.25
N ALA A 290 23.53 -8.10 -11.42
CA ALA A 290 22.75 -9.25 -11.87
C ALA A 290 21.43 -9.28 -11.11
N GLN A 291 20.40 -9.80 -11.78
CA GLN A 291 19.05 -9.89 -11.24
C GLN A 291 18.34 -11.03 -11.95
N ASP A 292 17.44 -11.70 -11.22
CA ASP A 292 16.59 -12.71 -11.83
C ASP A 292 15.84 -12.12 -13.02
N ARG A 293 15.80 -12.88 -14.12
CA ARG A 293 15.27 -12.34 -15.37
C ARG A 293 13.75 -12.23 -15.35
N TYR A 294 13.06 -13.19 -14.75
CA TYR A 294 11.61 -13.26 -14.81
C TYR A 294 10.92 -12.81 -13.54
N TYR A 295 11.67 -12.40 -12.51
CA TYR A 295 11.07 -11.94 -11.26
C TYR A 295 11.96 -10.85 -10.69
N SER A 296 11.39 -9.68 -10.44
CA SER A 296 12.15 -8.52 -9.97
C SER A 296 12.46 -8.68 -8.49
N SER A 297 13.51 -9.44 -8.21
CA SER A 297 14.01 -9.61 -6.84
C SER A 297 15.10 -8.57 -6.60
N SER A 298 16.00 -8.84 -5.65
CA SER A 298 17.07 -7.91 -5.34
C SER A 298 18.18 -8.02 -6.39
N TRP A 299 18.87 -6.90 -6.60
CA TRP A 299 20.02 -6.89 -7.50
C TRP A 299 21.24 -7.51 -6.82
N SER A 300 22.16 -8.00 -7.63
CA SER A 300 23.42 -8.52 -7.13
C SER A 300 24.37 -7.37 -6.80
N GLU A 301 25.51 -7.71 -6.20
CA GLU A 301 26.53 -6.70 -5.97
C GLU A 301 27.33 -6.45 -7.25
N TRP A 302 28.07 -5.35 -7.26
CA TRP A 302 28.82 -4.96 -8.43
C TRP A 302 30.11 -5.76 -8.54
N ALA A 303 30.48 -6.09 -9.78
CA ALA A 303 31.78 -6.65 -10.11
C ALA A 303 32.45 -5.71 -11.09
N SER A 304 33.61 -5.19 -10.72
CA SER A 304 34.23 -4.08 -11.44
C SER A 304 35.60 -4.45 -11.98
N VAL A 305 35.97 -3.78 -13.07
CA VAL A 305 37.31 -3.91 -13.65
C VAL A 305 37.75 -2.55 -14.18
N PRO A 306 39.05 -2.27 -14.11
CA PRO A 306 39.57 -1.02 -14.68
C PRO A 306 39.73 -1.12 -16.19
N CYS A 307 39.63 0.04 -16.84
CA CYS A 307 39.79 0.11 -18.29
C CYS A 307 41.24 -0.15 -18.70
N PRO B 1 10.75 -25.76 -32.29
CA PRO B 1 9.40 -25.75 -32.89
C PRO B 1 8.44 -24.81 -32.17
N ALA B 2 7.33 -25.35 -31.68
CA ALA B 2 6.32 -24.53 -31.02
C ALA B 2 6.80 -23.96 -29.69
N TRP B 3 7.89 -24.50 -29.12
CA TRP B 3 8.39 -24.01 -27.85
C TRP B 3 8.91 -22.58 -27.96
N THR B 4 9.35 -22.16 -29.16
CA THR B 4 9.92 -20.83 -29.31
C THR B 4 8.85 -19.75 -29.19
N GLN B 5 7.66 -19.98 -29.76
CA GLN B 5 6.59 -19.00 -29.66
C GLN B 5 6.11 -18.87 -28.22
N CYS B 6 6.03 -19.97 -27.48
CA CYS B 6 5.67 -19.91 -26.07
C CYS B 6 6.73 -19.19 -25.25
N GLN B 7 8.00 -19.30 -25.67
CA GLN B 7 9.08 -18.64 -24.93
C GLN B 7 9.09 -17.15 -25.17
N GLN B 8 8.86 -16.72 -26.42
CA GLN B 8 8.88 -15.31 -26.74
C GLN B 8 7.69 -14.57 -26.13
N LEU B 9 6.51 -15.19 -26.16
CA LEU B 9 5.32 -14.53 -25.63
C LEU B 9 5.36 -14.47 -24.11
N SER B 10 5.90 -15.51 -23.46
CA SER B 10 6.05 -15.49 -22.01
C SER B 10 7.05 -14.42 -21.59
N GLN B 11 8.11 -14.23 -22.38
CA GLN B 11 9.04 -13.13 -22.12
C GLN B 11 8.33 -11.79 -22.12
N LYS B 12 7.44 -11.58 -23.10
CA LYS B 12 6.64 -10.36 -23.13
C LYS B 12 5.72 -10.26 -21.92
N LEU B 13 5.21 -11.40 -21.44
CA LEU B 13 4.28 -11.38 -20.32
C LEU B 13 4.96 -10.90 -19.05
N CYS B 14 6.13 -11.45 -18.73
CA CYS B 14 6.86 -11.01 -17.55
C CYS B 14 7.19 -9.52 -17.63
N THR B 15 7.49 -9.03 -18.83
CA THR B 15 7.68 -7.60 -19.01
C THR B 15 6.38 -6.83 -18.73
N LEU B 16 5.27 -7.31 -19.31
CA LEU B 16 4.00 -6.62 -19.15
C LEU B 16 3.49 -6.71 -17.72
N ALA B 17 3.72 -7.84 -17.06
CA ALA B 17 3.22 -8.03 -15.69
C ALA B 17 3.85 -7.00 -14.75
N TRP B 18 5.18 -6.93 -14.73
CA TRP B 18 5.84 -5.96 -13.86
C TRP B 18 5.64 -4.54 -14.35
N SER B 19 5.62 -4.34 -15.67
CA SER B 19 5.38 -3.00 -16.20
C SER B 19 4.02 -2.47 -15.79
N ALA B 20 3.03 -3.36 -15.66
CA ALA B 20 1.71 -2.92 -15.23
C ALA B 20 1.70 -2.47 -13.77
N HIS B 21 2.63 -2.97 -12.96
CA HIS B 21 2.62 -2.70 -11.52
C HIS B 21 4.04 -2.73 -11.00
N PRO B 22 4.70 -1.57 -10.92
CA PRO B 22 6.10 -1.56 -10.49
C PRO B 22 6.27 -1.39 -9.00
N LEU B 23 5.21 -1.62 -8.22
CA LEU B 23 5.33 -1.48 -6.77
C LEU B 23 6.29 -2.51 -6.19
N VAL B 24 7.00 -2.08 -5.15
CA VAL B 24 8.00 -2.89 -4.45
C VAL B 24 7.31 -3.68 -3.33
N GLY B 25 8.06 -4.60 -2.72
CA GLY B 25 7.45 -5.52 -1.76
C GLY B 25 6.90 -4.85 -0.52
N HIS B 26 7.62 -3.86 0.02
CA HIS B 26 7.13 -3.26 1.26
C HIS B 26 5.86 -2.46 1.05
N MET B 27 5.59 -2.04 -0.19
CA MET B 27 4.36 -1.31 -0.50
C MET B 27 3.12 -2.19 -0.37
N ASP B 28 3.24 -3.47 -0.73
CA ASP B 28 2.07 -4.36 -0.65
C ASP B 28 1.56 -4.43 0.78
N LEU B 29 0.27 -4.15 0.93
CA LEU B 29 -0.42 -4.26 2.20
C LEU B 29 -0.97 -5.68 2.37
N ARG B 30 -1.39 -5.98 3.60
CA ARG B 30 -1.94 -7.29 3.91
C ARG B 30 -3.21 -7.13 4.72
N GLU B 31 -4.13 -8.08 4.55
CA GLU B 31 -5.43 -8.06 5.21
C GLU B 31 -5.64 -9.36 5.99
N GLU B 32 -6.62 -9.31 6.90
CA GLU B 32 -6.82 -10.35 7.92
C GLU B 32 -7.10 -11.75 7.35
N GLY B 33 -7.13 -11.88 6.03
CA GLY B 33 -7.36 -13.18 5.43
C GLY B 33 -6.11 -14.03 5.29
N ASP B 34 -5.50 -14.37 6.43
CA ASP B 34 -4.29 -15.20 6.38
C ASP B 34 -4.60 -16.60 5.85
N GLU B 35 -5.73 -17.17 6.26
CA GLU B 35 -6.08 -18.53 5.88
C GLU B 35 -6.30 -18.64 4.38
N GLU B 36 -6.04 -19.82 3.85
CA GLU B 36 -6.15 -20.10 2.42
C GLU B 36 -7.54 -19.79 1.89
N ASP B 40 -6.66 -22.35 -2.85
CA ASP B 40 -7.78 -22.26 -3.78
C ASP B 40 -7.32 -21.77 -5.15
N VAL B 41 -6.59 -20.67 -5.16
CA VAL B 41 -6.03 -20.16 -6.43
C VAL B 41 -4.98 -21.14 -6.93
N PRO B 42 -4.99 -21.51 -8.22
CA PRO B 42 -4.03 -22.50 -8.73
C PRO B 42 -2.60 -21.99 -8.66
N HIS B 43 -1.77 -22.74 -7.95
CA HIS B 43 -0.34 -22.45 -7.84
C HIS B 43 0.45 -23.63 -8.39
N ILE B 44 1.68 -23.36 -8.82
CA ILE B 44 2.58 -24.41 -9.26
C ILE B 44 3.07 -25.16 -8.03
N GLN B 45 2.37 -26.24 -7.68
CA GLN B 45 2.72 -27.00 -6.48
C GLN B 45 4.05 -27.73 -6.68
N CYS B 46 4.61 -28.21 -5.58
CA CYS B 46 5.81 -29.02 -5.66
C CYS B 46 5.48 -30.36 -6.30
N GLY B 47 6.38 -30.82 -7.17
CA GLY B 47 6.16 -32.06 -7.88
C GLY B 47 5.17 -31.96 -9.03
N ASP B 48 4.82 -30.76 -9.47
CA ASP B 48 3.96 -30.58 -10.63
C ASP B 48 4.70 -30.76 -11.95
N GLY B 49 5.86 -31.39 -11.94
CA GLY B 49 6.58 -31.70 -13.15
C GLY B 49 7.13 -30.51 -13.90
N CYS B 50 7.22 -29.35 -13.25
CA CYS B 50 7.73 -28.14 -13.89
C CYS B 50 9.22 -27.91 -13.63
N ASP B 51 9.87 -28.78 -12.88
CA ASP B 51 11.31 -28.71 -12.72
C ASP B 51 12.01 -29.23 -13.98
N PRO B 52 13.29 -28.89 -14.17
CA PRO B 52 13.99 -29.36 -15.39
C PRO B 52 13.93 -30.87 -15.59
N GLN B 53 14.02 -31.66 -14.53
CA GLN B 53 13.89 -33.11 -14.68
C GLN B 53 12.47 -33.50 -15.08
N GLY B 54 11.47 -32.76 -14.58
CA GLY B 54 10.09 -33.08 -14.93
C GLY B 54 9.80 -32.90 -16.40
N LEU B 55 10.43 -31.91 -17.03
CA LEU B 55 10.18 -31.66 -18.44
C LEU B 55 10.88 -32.70 -19.31
N ARG B 56 12.07 -33.15 -18.89
CA ARG B 56 12.75 -34.22 -19.64
C ARG B 56 12.00 -35.53 -19.51
N ASP B 57 11.41 -35.79 -18.33
CA ASP B 57 10.62 -37.00 -18.16
C ASP B 57 9.29 -36.89 -18.90
N ASN B 58 8.53 -35.82 -18.66
CA ASN B 58 7.27 -35.62 -19.35
C ASN B 58 6.84 -34.16 -19.17
N SER B 59 6.80 -33.41 -20.27
CA SER B 59 6.36 -32.02 -20.22
C SER B 59 4.84 -31.88 -20.18
N GLN B 60 4.09 -32.98 -20.36
CA GLN B 60 2.64 -32.89 -20.38
C GLN B 60 2.08 -32.47 -19.03
N PHE B 61 2.70 -32.93 -17.94
CA PHE B 61 2.18 -32.62 -16.61
C PHE B 61 2.28 -31.14 -16.31
N CYS B 62 3.41 -30.51 -16.64
CA CYS B 62 3.61 -29.11 -16.29
C CYS B 62 2.67 -28.20 -17.09
N LEU B 63 2.43 -28.53 -18.36
CA LEU B 63 1.57 -27.69 -19.19
C LEU B 63 0.11 -27.78 -18.77
N GLN B 64 -0.31 -28.92 -18.19
CA GLN B 64 -1.68 -29.05 -17.72
C GLN B 64 -1.98 -28.05 -16.61
N ARG B 65 -0.99 -27.78 -15.75
CA ARG B 65 -1.19 -26.80 -14.68
C ARG B 65 -1.04 -25.37 -15.19
N ILE B 66 -0.09 -25.13 -16.10
CA ILE B 66 0.09 -23.80 -16.65
C ILE B 66 -1.11 -23.39 -17.47
N HIS B 67 -1.68 -24.33 -18.23
CA HIS B 67 -2.89 -24.03 -19.01
C HIS B 67 -4.05 -23.65 -18.11
N GLN B 68 -4.24 -24.39 -17.02
CA GLN B 68 -5.32 -24.07 -16.09
C GLN B 68 -5.11 -22.71 -15.43
N GLY B 69 -3.86 -22.34 -15.17
CA GLY B 69 -3.59 -21.04 -14.57
C GLY B 69 -3.79 -19.89 -15.54
N LEU B 70 -3.48 -20.09 -16.82
CA LEU B 70 -3.62 -19.00 -17.79
C LEU B 70 -5.08 -18.68 -18.06
N ILE B 71 -5.93 -19.70 -18.07
CA ILE B 71 -7.37 -19.45 -18.23
C ILE B 71 -7.99 -18.95 -16.93
N PHE B 72 -7.38 -19.27 -15.79
CA PHE B 72 -7.89 -18.76 -14.51
C PHE B 72 -7.63 -17.27 -14.37
N TYR B 73 -6.40 -16.83 -14.67
CA TYR B 73 -6.09 -15.41 -14.60
C TYR B 73 -6.71 -14.65 -15.76
N GLU B 74 -6.91 -15.30 -16.92
CA GLU B 74 -7.65 -14.66 -18.00
C GLU B 74 -9.08 -14.40 -17.58
N LYS B 75 -9.69 -15.35 -16.86
CA LYS B 75 -11.05 -15.18 -16.38
C LYS B 75 -11.19 -13.93 -15.52
N LEU B 76 -10.09 -13.50 -14.89
CA LEU B 76 -10.12 -12.34 -14.01
C LEU B 76 -9.93 -11.02 -14.77
N LEU B 77 -9.06 -11.02 -15.79
CA LEU B 77 -8.92 -9.83 -16.63
C LEU B 77 -10.17 -9.54 -17.42
N GLY B 78 -11.02 -10.54 -17.66
CA GLY B 78 -12.32 -10.33 -18.26
C GLY B 78 -13.43 -10.01 -17.28
N SER B 79 -13.17 -10.19 -15.99
CA SER B 79 -14.17 -9.91 -14.97
C SER B 79 -14.38 -8.40 -14.84
N ASP B 80 -15.42 -8.03 -14.08
CA ASP B 80 -15.69 -6.62 -13.85
C ASP B 80 -14.59 -5.95 -13.05
N ILE B 81 -13.74 -6.73 -12.38
CA ILE B 81 -12.64 -6.17 -11.61
C ILE B 81 -11.74 -5.33 -12.51
N PHE B 82 -11.43 -5.83 -13.70
CA PHE B 82 -10.51 -5.16 -14.61
C PHE B 82 -11.20 -4.38 -15.72
N THR B 83 -12.53 -4.31 -15.71
CA THR B 83 -13.27 -3.59 -16.74
C THR B 83 -14.12 -2.44 -16.20
N GLY B 84 -14.56 -2.50 -14.95
CA GLY B 84 -15.40 -1.48 -14.37
C GLY B 84 -14.62 -0.25 -13.97
N GLU B 85 -15.28 0.60 -13.18
CA GLU B 85 -14.70 1.84 -12.71
C GLU B 85 -13.75 1.58 -11.54
N PRO B 86 -12.58 2.24 -11.51
CA PRO B 86 -12.11 3.16 -12.56
C PRO B 86 -11.69 2.42 -13.82
N SER B 87 -12.07 2.96 -14.98
CA SER B 87 -11.87 2.28 -16.24
C SER B 87 -10.40 1.97 -16.46
N LEU B 88 -10.11 0.73 -16.83
CA LEU B 88 -8.76 0.36 -17.28
C LEU B 88 -8.68 0.55 -18.79
N LEU B 89 -7.67 1.28 -19.23
CA LEU B 89 -7.55 1.61 -20.64
C LEU B 89 -7.16 0.36 -21.43
N PRO B 90 -7.75 0.17 -22.61
CA PRO B 90 -7.40 -1.04 -23.39
C PRO B 90 -5.95 -1.07 -23.84
N ASP B 91 -5.45 0.05 -24.35
CA ASP B 91 -4.04 0.13 -24.75
C ASP B 91 -3.10 0.30 -23.58
N SER B 92 -3.62 0.52 -22.37
CA SER B 92 -2.80 0.53 -21.18
C SER B 92 -2.05 -0.80 -21.07
N PRO B 93 -0.84 -0.79 -20.52
CA PRO B 93 -0.08 -2.05 -20.43
C PRO B 93 -0.81 -3.17 -19.70
N VAL B 94 -1.81 -2.85 -18.89
CA VAL B 94 -2.61 -3.89 -18.25
C VAL B 94 -3.54 -4.55 -19.26
N GLY B 95 -4.01 -3.79 -20.26
CA GLY B 95 -4.94 -4.36 -21.23
C GLY B 95 -4.28 -5.37 -22.16
N GLN B 96 -3.04 -5.10 -22.57
CA GLN B 96 -2.33 -6.03 -23.45
C GLN B 96 -2.08 -7.37 -22.78
N LEU B 97 -1.97 -7.37 -21.45
CA LEU B 97 -1.77 -8.62 -20.71
C LEU B 97 -2.90 -9.61 -20.96
N HIS B 98 -4.12 -9.11 -21.13
CA HIS B 98 -5.27 -9.99 -21.35
C HIS B 98 -5.13 -10.77 -22.64
N ALA B 99 -4.88 -10.09 -23.76
CA ALA B 99 -4.77 -10.77 -25.05
C ALA B 99 -3.56 -11.69 -25.09
N SER B 100 -2.44 -11.25 -24.52
CA SER B 100 -1.25 -12.10 -24.46
C SER B 100 -1.48 -13.33 -23.59
N LEU B 101 -2.39 -13.23 -22.62
CA LEU B 101 -2.72 -14.38 -21.80
C LEU B 101 -3.58 -15.37 -22.58
N LEU B 102 -4.59 -14.89 -23.30
CA LEU B 102 -5.46 -15.77 -24.07
C LEU B 102 -4.71 -16.39 -25.25
N GLY B 103 -3.93 -15.57 -25.96
CA GLY B 103 -3.18 -16.08 -27.10
C GLY B 103 -2.23 -17.19 -26.71
N LEU B 104 -1.46 -16.97 -25.64
CA LEU B 104 -0.56 -18.01 -25.17
C LEU B 104 -1.32 -19.23 -24.67
N SER B 105 -2.47 -19.01 -24.02
CA SER B 105 -3.29 -20.11 -23.56
C SER B 105 -3.80 -20.96 -24.72
N GLN B 106 -4.00 -20.34 -25.89
CA GLN B 106 -4.50 -21.08 -27.04
C GLN B 106 -3.47 -22.06 -27.59
N LEU B 107 -2.18 -21.72 -27.48
CA LEU B 107 -1.15 -22.56 -28.06
C LEU B 107 -0.97 -23.89 -27.32
N LEU B 108 -1.40 -23.96 -26.06
CA LEU B 108 -1.12 -25.15 -25.26
C LEU B 108 -1.98 -26.33 -25.70
N GLN B 109 -3.30 -26.16 -25.69
CA GLN B 109 -4.23 -27.23 -26.06
C GLN B 109 -5.35 -26.63 -26.89
N PRO B 110 -5.27 -26.72 -28.23
CA PRO B 110 -6.31 -26.24 -29.14
C PRO B 110 -7.63 -26.99 -28.94
N SER B 124 -18.07 -12.13 -7.07
CA SER B 124 -18.22 -11.43 -8.34
C SER B 124 -18.52 -9.92 -8.19
N PRO B 125 -19.45 -9.52 -7.32
CA PRO B 125 -19.71 -8.08 -7.15
C PRO B 125 -18.54 -7.36 -6.49
N SER B 126 -18.35 -6.11 -6.87
CA SER B 126 -17.25 -5.31 -6.38
C SER B 126 -17.52 -3.84 -6.63
N GLN B 127 -17.05 -2.99 -5.71
CA GLN B 127 -17.21 -1.54 -5.70
C GLN B 127 -15.93 -0.86 -6.19
N PRO B 128 -16.07 0.27 -6.91
CA PRO B 128 -14.89 0.93 -7.52
C PRO B 128 -13.68 1.12 -6.62
N TRP B 129 -13.83 1.27 -5.30
CA TRP B 129 -12.63 1.44 -4.48
C TRP B 129 -11.97 0.10 -4.16
N GLN B 130 -12.75 -0.97 -4.01
CA GLN B 130 -12.17 -2.27 -3.76
C GLN B 130 -11.38 -2.78 -4.95
N ARG B 131 -11.77 -2.37 -6.16
CA ARG B 131 -11.10 -2.87 -7.35
C ARG B 131 -9.64 -2.45 -7.40
N LEU B 132 -9.34 -1.23 -6.97
CA LEU B 132 -7.95 -0.78 -6.89
C LEU B 132 -7.11 -1.75 -6.04
N LEU B 133 -7.62 -2.09 -4.85
CA LEU B 133 -6.88 -3.00 -3.98
C LEU B 133 -6.87 -4.42 -4.54
N LEU B 134 -8.00 -4.88 -5.08
CA LEU B 134 -8.04 -6.20 -5.68
C LEU B 134 -7.08 -6.29 -6.86
N ARG B 135 -7.15 -5.32 -7.77
CA ARG B 135 -6.25 -5.31 -8.93
C ARG B 135 -4.79 -5.45 -8.52
N PHE B 136 -4.41 -4.78 -7.43
CA PHE B 136 -3.05 -4.93 -6.91
C PHE B 136 -2.76 -6.37 -6.51
N LYS B 137 -3.70 -7.01 -5.82
CA LYS B 137 -3.47 -8.36 -5.32
C LYS B 137 -3.34 -9.36 -6.46
N ILE B 138 -4.18 -9.26 -7.50
CA ILE B 138 -4.13 -10.21 -8.60
C ILE B 138 -2.80 -10.10 -9.33
N LEU B 139 -2.37 -8.87 -9.65
CA LEU B 139 -1.18 -8.68 -10.46
C LEU B 139 0.06 -9.25 -9.77
N ARG B 140 0.22 -8.99 -8.48
CA ARG B 140 1.36 -9.55 -7.75
C ARG B 140 1.31 -11.07 -7.77
N SER B 141 0.16 -11.66 -7.41
CA SER B 141 0.02 -13.11 -7.44
C SER B 141 0.24 -13.66 -8.85
N LEU B 142 -0.11 -12.89 -9.88
CA LEU B 142 0.13 -13.32 -11.25
C LEU B 142 1.61 -13.30 -11.58
N GLN B 143 2.34 -12.31 -11.07
CA GLN B 143 3.75 -12.15 -11.43
C GLN B 143 4.57 -13.39 -11.06
N ALA B 144 4.32 -13.96 -9.88
CA ALA B 144 5.03 -15.17 -9.49
C ALA B 144 4.67 -16.35 -10.37
N PHE B 145 3.45 -16.36 -10.91
CA PHE B 145 3.05 -17.45 -11.80
C PHE B 145 3.71 -17.33 -13.17
N VAL B 146 3.73 -16.12 -13.73
CA VAL B 146 4.32 -15.92 -15.04
C VAL B 146 5.83 -16.15 -14.99
N ALA B 147 6.46 -15.93 -13.84
CA ALA B 147 7.91 -16.12 -13.72
C ALA B 147 8.30 -17.56 -13.97
N VAL B 148 7.75 -18.49 -13.18
CA VAL B 148 8.09 -19.90 -13.34
C VAL B 148 7.62 -20.43 -14.67
N ALA B 149 6.55 -19.85 -15.24
CA ALA B 149 6.08 -20.28 -16.55
C ALA B 149 7.08 -19.91 -17.64
N ALA B 150 7.69 -18.73 -17.54
CA ALA B 150 8.69 -18.33 -18.53
C ALA B 150 9.98 -19.11 -18.38
N ARG B 151 10.20 -19.78 -17.24
CA ARG B 151 11.40 -20.57 -17.06
C ARG B 151 11.32 -21.91 -17.79
N VAL B 152 10.16 -22.58 -17.73
CA VAL B 152 10.04 -23.87 -18.38
C VAL B 152 10.02 -23.71 -19.89
N PHE B 153 9.54 -22.57 -20.40
CA PHE B 153 9.56 -22.34 -21.84
C PHE B 153 10.97 -22.00 -22.31
N ALA B 154 11.72 -21.25 -21.51
CA ALA B 154 13.11 -20.95 -21.86
C ALA B 154 13.95 -22.22 -21.83
N HIS B 155 13.69 -23.11 -20.87
CA HIS B 155 14.41 -24.37 -20.80
C HIS B 155 14.01 -25.30 -21.93
N GLY B 156 12.73 -25.30 -22.29
CA GLY B 156 12.28 -26.18 -23.36
C GLY B 156 12.80 -25.78 -24.72
N ALA B 157 12.81 -24.47 -25.01
CA ALA B 157 13.32 -23.99 -26.29
C ALA B 157 14.83 -24.13 -26.39
N ALA B 158 15.53 -24.33 -25.28
CA ALA B 158 16.97 -24.45 -25.27
C ALA B 158 17.46 -25.89 -25.15
N THR B 159 16.57 -26.84 -24.88
CA THR B 159 16.99 -28.23 -24.68
C THR B 159 16.22 -29.18 -25.59
N LEU B 160 14.89 -29.10 -25.57
CA LEU B 160 14.06 -30.01 -26.36
C LEU B 160 13.78 -29.48 -27.77
N SER B 161 14.02 -28.20 -28.03
CA SER B 161 13.75 -27.67 -29.36
C SER B 161 14.76 -28.19 -30.40
N PRO B 162 16.08 -28.11 -30.19
CA PRO B 162 16.98 -28.66 -31.21
C PRO B 162 16.89 -30.18 -31.33
N GLY B 163 16.86 -30.88 -30.21
CA GLY B 163 16.74 -32.33 -30.22
C GLY B 163 17.90 -33.03 -30.88
N GLY C 1 -10.14 -13.19 1.10
CA GLY C 1 -9.28 -14.10 0.37
C GLY C 1 -8.54 -13.44 -0.77
N ILE C 2 -8.68 -14.02 -1.96
CA ILE C 2 -8.02 -13.50 -3.16
C ILE C 2 -8.99 -12.71 -4.03
N THR C 3 -10.25 -13.14 -4.09
CA THR C 3 -11.26 -12.50 -4.92
C THR C 3 -12.14 -11.54 -4.15
N ASN C 4 -11.77 -11.19 -2.91
CA ASN C 4 -12.60 -10.33 -2.09
C ASN C 4 -11.74 -9.65 -1.04
N ILE C 5 -12.18 -8.46 -0.64
CA ILE C 5 -11.53 -7.70 0.43
C ILE C 5 -12.13 -8.13 1.77
N ASN C 6 -11.28 -8.28 2.77
CA ASN C 6 -11.70 -8.63 4.13
C ASN C 6 -11.31 -7.45 5.03
N CYS C 7 -12.25 -6.53 5.23
CA CYS C 7 -11.98 -5.35 6.04
C CYS C 7 -11.73 -5.75 7.49
N SER C 8 -10.76 -5.09 8.11
CA SER C 8 -10.41 -5.35 9.51
C SER C 8 -10.60 -4.06 10.30
N GLY C 9 -11.80 -3.51 10.25
CA GLY C 9 -12.10 -2.20 10.81
C GLY C 9 -13.14 -1.53 9.93
N HIS C 10 -13.38 -0.25 10.22
CA HIS C 10 -14.34 0.49 9.41
C HIS C 10 -13.91 1.95 9.32
N ILE C 11 -14.47 2.64 8.33
CA ILE C 11 -14.11 4.01 8.00
C ILE C 11 -15.40 4.78 7.73
N TRP C 12 -15.44 6.04 8.17
CA TRP C 12 -16.62 6.88 7.95
C TRP C 12 -16.18 8.32 7.69
N VAL C 13 -17.08 9.08 7.06
CA VAL C 13 -16.80 10.43 6.59
C VAL C 13 -17.80 11.40 7.21
N GLU C 14 -17.32 12.59 7.55
CA GLU C 14 -18.16 13.69 7.98
C GLU C 14 -17.94 14.87 7.05
N PRO C 15 -19.00 15.56 6.60
CA PRO C 15 -20.43 15.38 6.93
C PRO C 15 -21.01 14.06 6.45
N ALA C 16 -20.60 13.60 5.28
CA ALA C 16 -21.08 12.34 4.74
C ALA C 16 -20.11 11.88 3.65
N THR C 17 -20.30 10.64 3.21
CA THR C 17 -19.47 10.11 2.13
C THR C 17 -19.72 10.85 0.82
N ILE C 18 -20.94 11.33 0.62
CA ILE C 18 -21.28 12.23 -0.49
C ILE C 18 -21.58 13.60 0.11
N PHE C 19 -20.88 14.63 -0.37
CA PHE C 19 -20.97 15.95 0.22
C PHE C 19 -20.95 17.00 -0.88
N LYS C 20 -21.32 18.22 -0.49
CA LYS C 20 -21.28 19.35 -1.40
C LYS C 20 -19.84 19.68 -1.75
N MET C 21 -19.57 19.90 -3.04
CA MET C 21 -18.22 20.18 -3.50
C MET C 21 -17.70 21.46 -2.87
N GLY C 22 -16.41 21.47 -2.54
CA GLY C 22 -15.77 22.64 -1.97
C GLY C 22 -15.84 22.74 -0.46
N MET C 23 -16.45 21.77 0.22
CA MET C 23 -16.57 21.80 1.67
C MET C 23 -15.36 21.16 2.33
N ASN C 24 -15.09 21.58 3.56
CA ASN C 24 -14.16 20.86 4.41
C ASN C 24 -14.74 19.50 4.77
N ILE C 25 -13.91 18.47 4.74
CA ILE C 25 -14.33 17.12 5.08
C ILE C 25 -13.30 16.49 6.01
N SER C 26 -13.77 15.57 6.86
CA SER C 26 -12.92 14.81 7.75
C SER C 26 -13.19 13.34 7.55
N ILE C 27 -12.13 12.56 7.33
CA ILE C 27 -12.21 11.13 7.10
C ILE C 27 -11.63 10.42 8.31
N TYR C 28 -12.42 9.54 8.92
CA TYR C 28 -12.05 8.84 10.14
C TYR C 28 -11.82 7.37 9.85
N CYS C 29 -10.74 6.82 10.39
CA CYS C 29 -10.35 5.43 10.16
C CYS C 29 -10.08 4.76 11.49
N GLN C 30 -10.89 3.75 11.83
CA GLN C 30 -10.76 3.02 13.08
C GLN C 30 -10.35 1.58 12.78
N ALA C 31 -9.22 1.17 13.36
CA ALA C 31 -8.66 -0.16 13.13
C ALA C 31 -9.23 -1.18 14.10
N ALA C 32 -9.19 -2.45 13.70
CA ALA C 32 -9.71 -3.54 14.50
C ALA C 32 -8.93 -4.82 14.21
N ILE C 33 -7.62 -4.78 14.45
CA ILE C 33 -6.77 -5.95 14.27
C ILE C 33 -6.77 -6.75 15.57
N LYS C 34 -6.83 -8.07 15.44
CA LYS C 34 -6.93 -8.97 16.59
C LYS C 34 -5.83 -8.71 17.61
N ASN C 35 -4.59 -8.97 17.22
CA ASN C 35 -3.47 -8.83 18.15
C ASN C 35 -2.49 -7.76 17.69
N CYS C 36 -2.95 -6.51 17.56
CA CYS C 36 -2.05 -5.44 17.11
C CYS C 36 -2.61 -4.09 17.48
N GLN C 37 -1.90 -3.37 18.35
CA GLN C 37 -2.14 -1.95 18.56
C GLN C 37 -1.32 -1.18 17.54
N PRO C 38 -1.93 -0.49 16.58
CA PRO C 38 -1.17 0.06 15.45
C PRO C 38 -0.14 1.10 15.89
N ARG C 39 1.06 0.97 15.34
CA ARG C 39 2.11 1.96 15.58
C ARG C 39 1.82 3.25 14.84
N LYS C 40 1.37 3.16 13.59
CA LYS C 40 1.05 4.33 12.79
C LYS C 40 -0.12 3.99 11.88
N LEU C 41 -0.83 5.03 11.44
CA LEU C 41 -2.03 4.88 10.63
C LEU C 41 -1.88 5.74 9.38
N HIS C 42 -1.95 5.10 8.21
CA HIS C 42 -1.78 5.79 6.94
C HIS C 42 -3.09 5.88 6.18
N PHE C 43 -3.20 6.93 5.36
CA PHE C 43 -4.33 7.13 4.47
C PHE C 43 -3.83 7.14 3.02
N TYR C 44 -4.60 6.53 2.13
CA TYR C 44 -4.30 6.50 0.70
C TYR C 44 -5.48 7.09 -0.07
N LYS C 45 -5.18 8.00 -0.99
CA LYS C 45 -6.17 8.54 -1.92
C LYS C 45 -5.76 8.13 -3.32
N ASN C 46 -6.60 7.32 -3.97
CA ASN C 46 -6.33 6.80 -5.31
C ASN C 46 -4.99 6.05 -5.36
N GLY C 47 -4.69 5.31 -4.29
CA GLY C 47 -3.46 4.57 -4.19
C GLY C 47 -2.24 5.38 -3.80
N ILE C 48 -2.41 6.66 -3.49
CA ILE C 48 -1.31 7.56 -3.13
C ILE C 48 -1.42 7.86 -1.64
N LYS C 49 -0.37 7.54 -0.90
CA LYS C 49 -0.37 7.78 0.54
C LYS C 49 -0.38 9.28 0.83
N GLU C 50 -1.22 9.69 1.78
CA GLU C 50 -1.29 11.07 2.19
C GLU C 50 -0.34 11.35 3.35
N ARG C 51 0.23 12.55 3.37
CA ARG C 51 1.27 12.91 4.32
C ARG C 51 0.93 14.11 5.19
N PHE C 52 -0.20 14.78 4.96
CA PHE C 52 -0.51 16.01 5.65
C PHE C 52 -1.94 15.98 6.18
N GLN C 53 -2.18 16.77 7.23
CA GLN C 53 -3.50 16.95 7.83
C GLN C 53 -4.04 15.67 8.46
N ILE C 54 -3.15 14.78 8.88
CA ILE C 54 -3.52 13.54 9.55
C ILE C 54 -3.14 13.66 11.03
N THR C 55 -4.08 13.34 11.91
CA THR C 55 -3.88 13.48 13.35
C THR C 55 -4.25 12.19 14.07
N ARG C 56 -3.37 11.74 14.97
CA ARG C 56 -3.57 10.51 15.74
C ARG C 56 -4.38 10.85 16.99
N ILE C 57 -5.68 11.02 16.79
CA ILE C 57 -6.56 11.43 17.89
C ILE C 57 -6.79 10.27 18.85
N ASN C 58 -6.81 9.04 18.35
CA ASN C 58 -7.07 7.85 19.15
C ASN C 58 -6.07 6.79 18.74
N LYS C 59 -5.61 5.99 19.73
CA LYS C 59 -4.59 4.98 19.46
C LYS C 59 -4.97 4.03 18.32
N THR C 60 -6.27 3.88 18.05
CA THR C 60 -6.74 3.01 16.99
C THR C 60 -7.54 3.75 15.92
N THR C 61 -7.76 5.05 16.07
CA THR C 61 -8.59 5.83 15.16
C THR C 61 -7.81 7.05 14.68
N ALA C 62 -7.89 7.33 13.38
CA ALA C 62 -7.19 8.45 12.78
C ALA C 62 -8.15 9.31 11.99
N ARG C 63 -7.78 10.58 11.81
CA ARG C 63 -8.61 11.56 11.13
C ARG C 63 -7.80 12.26 10.06
N LEU C 64 -8.27 12.20 8.82
CA LEU C 64 -7.70 12.97 7.71
C LEU C 64 -8.67 14.08 7.35
N TRP C 65 -8.14 15.30 7.19
CA TRP C 65 -8.95 16.47 6.94
C TRP C 65 -8.52 17.12 5.62
N TYR C 66 -9.50 17.44 4.78
CA TYR C 66 -9.26 18.10 3.50
C TYR C 66 -9.98 19.44 3.50
N LYS C 67 -9.27 20.48 3.07
CA LYS C 67 -9.85 21.80 2.88
C LYS C 67 -10.27 21.98 1.44
N ASN C 68 -11.54 22.34 1.24
CA ASN C 68 -12.10 22.60 -0.09
C ASN C 68 -11.83 21.43 -1.04
N PHE C 69 -12.54 20.33 -0.79
CA PHE C 69 -12.37 19.13 -1.60
C PHE C 69 -13.11 19.32 -2.94
N LEU C 70 -12.35 19.30 -4.03
CA LEU C 70 -12.90 19.63 -5.34
C LEU C 70 -13.07 18.43 -6.26
N GLU C 71 -12.44 17.29 -5.95
CA GLU C 71 -12.57 16.13 -6.80
C GLU C 71 -14.00 15.59 -6.75
N PRO C 72 -14.59 15.25 -7.89
CA PRO C 72 -15.96 14.70 -7.88
C PRO C 72 -15.99 13.25 -7.43
N HIS C 73 -14.89 12.52 -7.61
CA HIS C 73 -14.77 11.16 -7.14
C HIS C 73 -13.38 10.95 -6.57
N ALA C 74 -13.28 9.97 -5.65
CA ALA C 74 -12.02 9.62 -5.02
C ALA C 74 -12.16 8.30 -4.27
N SER C 75 -11.20 7.40 -4.45
CA SER C 75 -11.19 6.13 -3.74
C SER C 75 -10.26 6.25 -2.54
N MET C 76 -10.81 6.10 -1.34
CA MET C 76 -10.05 6.18 -0.09
C MET C 76 -9.92 4.79 0.52
N TYR C 77 -8.77 4.54 1.15
CA TYR C 77 -8.59 3.38 2.01
C TYR C 77 -7.44 3.67 2.95
N CYS C 78 -7.52 3.10 4.15
CA CYS C 78 -6.54 3.34 5.20
C CYS C 78 -5.95 2.03 5.67
N THR C 79 -4.72 2.09 6.17
CA THR C 79 -3.97 0.92 6.59
C THR C 79 -3.41 1.14 7.99
N ALA C 80 -2.78 0.10 8.53
CA ALA C 80 -2.18 0.15 9.86
C ALA C 80 -0.82 -0.53 9.83
N GLU C 81 0.14 0.06 10.56
CA GLU C 81 1.44 -0.56 10.77
C GLU C 81 1.39 -1.42 12.02
N CYS C 82 1.59 -2.72 11.85
CA CYS C 82 1.54 -3.66 12.96
C CYS C 82 2.92 -4.19 13.27
N PRO C 83 3.35 -4.18 14.54
CA PRO C 83 4.73 -4.59 14.86
C PRO C 83 5.07 -5.99 14.41
N LYS C 84 4.12 -6.92 14.40
CA LYS C 84 4.40 -8.29 14.02
C LYS C 84 4.26 -8.53 12.51
N HIS C 85 4.24 -7.47 11.71
CA HIS C 85 4.13 -7.63 10.26
C HIS C 85 5.00 -6.62 9.54
N PHE C 86 5.67 -7.12 8.50
CA PHE C 86 6.46 -6.29 7.59
C PHE C 86 5.58 -5.59 6.55
N GLN C 87 4.31 -5.94 6.48
CA GLN C 87 3.35 -5.36 5.55
C GLN C 87 2.40 -4.44 6.31
N GLU C 88 1.85 -3.48 5.58
CA GLU C 88 0.83 -2.60 6.14
C GLU C 88 -0.50 -3.35 6.20
N THR C 89 -1.21 -3.20 7.32
CA THR C 89 -2.43 -3.96 7.54
C THR C 89 -3.63 -3.14 7.04
N LEU C 90 -4.34 -3.69 6.06
CA LEU C 90 -5.53 -3.03 5.53
C LEU C 90 -6.60 -2.91 6.60
N ILE C 91 -7.18 -1.71 6.70
CA ILE C 91 -8.27 -1.48 7.65
C ILE C 91 -9.59 -1.54 6.90
N CYS C 92 -9.88 -0.53 6.08
CA CYS C 92 -11.08 -0.51 5.25
C CYS C 92 -11.00 0.68 4.31
N GLY C 93 -11.92 0.71 3.35
CA GLY C 93 -11.94 1.76 2.35
C GLY C 93 -13.36 2.17 2.00
N LYS C 94 -13.47 3.17 1.13
CA LYS C 94 -14.76 3.74 0.79
C LYS C 94 -14.59 4.75 -0.35
N ASP C 95 -15.55 4.76 -1.26
CA ASP C 95 -15.59 5.75 -2.34
C ASP C 95 -16.38 6.97 -1.88
N ILE C 96 -15.79 8.15 -2.02
CA ILE C 96 -16.44 9.41 -1.69
C ILE C 96 -16.71 10.17 -2.97
N SER C 97 -17.84 10.88 -3.02
CA SER C 97 -18.22 11.68 -4.17
C SER C 97 -18.55 13.09 -3.72
N SER C 98 -18.34 14.05 -4.62
CA SER C 98 -18.67 15.44 -4.39
C SER C 98 -19.45 15.98 -5.57
N GLY C 99 -20.40 16.87 -5.28
CA GLY C 99 -21.23 17.45 -6.31
C GLY C 99 -22.08 18.60 -5.77
N TYR C 100 -23.22 18.83 -6.40
CA TYR C 100 -24.12 19.90 -6.01
C TYR C 100 -25.56 19.39 -6.02
N PRO C 101 -26.41 19.95 -5.16
CA PRO C 101 -27.83 19.61 -5.24
C PRO C 101 -28.42 20.13 -6.54
N PRO C 102 -29.47 19.48 -7.05
CA PRO C 102 -30.02 19.90 -8.34
C PRO C 102 -30.82 21.19 -8.23
N ASP C 103 -30.80 21.98 -9.30
CA ASP C 103 -31.61 23.18 -9.35
C ASP C 103 -33.08 22.81 -9.55
N ILE C 104 -33.94 23.82 -9.39
CA ILE C 104 -35.35 23.69 -9.71
C ILE C 104 -35.46 23.69 -11.24
N PRO C 105 -35.87 22.58 -11.86
CA PRO C 105 -35.98 22.56 -13.32
C PRO C 105 -37.00 23.58 -13.79
N ASP C 106 -36.60 24.39 -14.78
CA ASP C 106 -37.49 25.36 -15.39
C ASP C 106 -37.45 25.17 -16.90
N GLU C 107 -38.21 26.01 -17.60
CA GLU C 107 -38.31 25.96 -19.07
C GLU C 107 -38.76 24.58 -19.54
N VAL C 108 -39.70 23.98 -18.79
CA VAL C 108 -40.25 22.68 -19.17
C VAL C 108 -41.09 22.85 -20.43
N THR C 109 -40.77 22.06 -21.46
CA THR C 109 -41.47 22.13 -22.73
C THR C 109 -41.71 20.71 -23.25
N CYS C 110 -42.90 20.48 -23.79
CA CYS C 110 -43.27 19.19 -24.38
C CYS C 110 -43.80 19.44 -25.78
N VAL C 111 -43.19 18.77 -26.77
CA VAL C 111 -43.60 18.90 -28.16
C VAL C 111 -43.75 17.52 -28.77
N ILE C 112 -44.40 17.46 -29.91
CA ILE C 112 -44.55 16.23 -30.68
C ILE C 112 -44.08 16.52 -32.10
N TYR C 113 -42.90 16.02 -32.44
CA TYR C 113 -42.48 16.03 -33.83
C TYR C 113 -43.40 15.12 -34.63
N GLU C 114 -43.85 15.62 -35.78
CA GLU C 114 -45.04 15.14 -36.49
C GLU C 114 -45.12 13.64 -36.61
N TYR C 115 -44.23 13.03 -37.40
CA TYR C 115 -44.29 11.61 -37.65
C TYR C 115 -43.57 10.78 -36.59
N SER C 116 -42.96 11.44 -35.60
CA SER C 116 -42.23 10.73 -34.56
C SER C 116 -43.12 9.86 -33.69
N GLY C 117 -44.42 10.17 -33.58
CA GLY C 117 -45.33 9.34 -32.83
C GLY C 117 -45.15 9.39 -31.35
N ASN C 118 -44.11 10.06 -30.86
CA ASN C 118 -43.98 10.18 -29.43
C ASN C 118 -43.62 11.62 -29.09
N MET C 119 -44.02 12.02 -27.89
CA MET C 119 -43.90 13.38 -27.42
C MET C 119 -42.55 13.55 -26.73
N THR C 120 -41.81 14.57 -27.13
CA THR C 120 -40.48 14.83 -26.61
C THR C 120 -40.56 15.97 -25.60
N CYS C 121 -40.34 15.64 -24.33
CA CYS C 121 -40.34 16.63 -23.25
C CYS C 121 -38.90 16.88 -22.81
N THR C 122 -38.51 18.15 -22.78
CA THR C 122 -37.18 18.57 -22.36
C THR C 122 -37.32 19.64 -21.29
N TRP C 123 -36.18 20.07 -20.72
CA TRP C 123 -36.16 21.10 -19.70
C TRP C 123 -34.72 21.55 -19.49
N ASN C 124 -34.58 22.62 -18.71
CA ASN C 124 -33.27 23.16 -18.32
C ASN C 124 -32.92 22.60 -16.94
N ALA C 125 -31.84 21.83 -16.88
CA ALA C 125 -31.51 21.08 -15.66
C ALA C 125 -30.83 21.93 -14.60
N GLY C 126 -30.30 23.10 -14.96
CA GLY C 126 -29.68 23.99 -13.99
C GLY C 126 -28.19 23.79 -13.84
N LYS C 127 -27.69 23.88 -12.60
CA LYS C 127 -26.25 23.78 -12.37
C LYS C 127 -25.73 22.39 -12.72
N LEU C 128 -24.41 22.29 -12.80
CA LEU C 128 -23.76 20.99 -12.96
C LEU C 128 -23.85 20.22 -11.64
N THR C 129 -24.21 18.93 -11.74
CA THR C 129 -24.40 18.10 -10.56
C THR C 129 -23.21 17.20 -10.27
N TYR C 130 -22.45 16.81 -11.30
CA TYR C 130 -21.23 16.02 -11.16
C TYR C 130 -21.51 14.61 -10.62
N ILE C 131 -22.54 14.46 -9.79
CA ILE C 131 -22.90 13.18 -9.21
C ILE C 131 -24.11 12.65 -9.96
N ASP C 132 -24.40 11.36 -9.75
CA ASP C 132 -25.52 10.69 -10.43
C ASP C 132 -26.85 11.33 -10.06
N THR C 133 -27.38 12.16 -10.94
CA THR C 133 -28.66 12.82 -10.74
C THR C 133 -29.70 12.19 -11.64
N LYS C 134 -30.83 11.80 -11.05
CA LYS C 134 -31.92 11.16 -11.77
C LYS C 134 -33.11 12.12 -11.86
N TYR C 135 -33.89 11.97 -12.92
CA TYR C 135 -35.03 12.85 -13.20
C TYR C 135 -36.29 12.01 -13.33
N VAL C 136 -37.36 12.46 -12.69
CA VAL C 136 -38.66 11.80 -12.74
C VAL C 136 -39.65 12.76 -13.38
N VAL C 137 -40.28 12.32 -14.47
CA VAL C 137 -41.23 13.12 -15.21
C VAL C 137 -42.64 12.63 -14.89
N HIS C 138 -43.46 13.51 -14.31
CA HIS C 138 -44.84 13.19 -13.98
C HIS C 138 -45.76 13.70 -15.08
N VAL C 139 -46.71 12.86 -15.49
CA VAL C 139 -47.70 13.22 -16.51
C VAL C 139 -49.07 12.91 -15.94
N LYS C 140 -49.92 13.93 -15.85
CA LYS C 140 -51.25 13.80 -15.28
C LYS C 140 -52.28 14.36 -16.26
N SER C 141 -53.38 13.65 -16.42
CA SER C 141 -54.44 14.05 -17.34
C SER C 141 -55.43 14.97 -16.63
N LEU C 142 -55.68 16.15 -17.22
CA LEU C 142 -56.66 17.06 -16.66
C LEU C 142 -58.08 16.48 -16.69
N GLU C 143 -58.29 15.38 -17.40
CA GLU C 143 -59.61 14.73 -17.45
C GLU C 143 -59.72 13.64 -16.40
N THR C 144 -59.02 12.52 -16.62
CA THR C 144 -59.16 11.34 -15.76
C THR C 144 -58.30 11.41 -14.50
N GLU C 145 -57.48 12.44 -14.34
CA GLU C 145 -56.70 12.69 -13.13
C GLU C 145 -55.70 11.58 -12.81
N GLU C 146 -55.50 10.63 -13.72
CA GLU C 146 -54.56 9.55 -13.46
C GLU C 146 -53.14 9.99 -13.83
N GLU C 147 -52.19 9.66 -12.97
CA GLU C 147 -50.83 10.18 -13.06
C GLU C 147 -49.86 9.05 -13.38
N GLN C 148 -49.07 9.23 -14.44
CA GLN C 148 -47.98 8.34 -14.78
C GLN C 148 -46.65 9.02 -14.51
N GLN C 149 -45.67 8.23 -14.07
CA GLN C 149 -44.33 8.71 -13.82
C GLN C 149 -43.34 7.96 -14.70
N TYR C 150 -42.24 8.64 -15.03
CA TYR C 150 -41.22 8.09 -15.91
C TYR C 150 -39.85 8.52 -15.42
N LEU C 151 -38.94 7.55 -15.26
CA LEU C 151 -37.58 7.83 -14.82
C LEU C 151 -36.66 7.96 -16.02
N THR C 152 -35.67 8.85 -15.90
CA THR C 152 -34.70 9.09 -16.96
C THR C 152 -33.48 9.77 -16.36
N SER C 153 -32.41 9.82 -17.15
CA SER C 153 -31.18 10.50 -16.77
C SER C 153 -30.95 11.79 -17.54
N SER C 154 -31.46 11.89 -18.76
CA SER C 154 -31.40 13.13 -19.52
C SER C 154 -32.81 13.62 -19.83
N TYR C 155 -33.24 13.48 -21.07
CA TYR C 155 -34.59 13.83 -21.50
C TYR C 155 -35.32 12.54 -21.87
N ILE C 156 -36.54 12.68 -22.39
CA ILE C 156 -37.41 11.51 -22.54
C ILE C 156 -38.33 11.68 -23.73
N ASN C 157 -38.65 10.55 -24.38
CA ASN C 157 -39.69 10.45 -25.39
C ASN C 157 -40.85 9.65 -24.79
N ILE C 158 -42.03 10.26 -24.72
CA ILE C 158 -43.24 9.58 -24.26
C ILE C 158 -44.11 9.26 -25.46
N SER C 159 -44.51 8.00 -25.59
CA SER C 159 -45.31 7.57 -26.73
C SER C 159 -46.73 8.13 -26.63
N THR C 160 -47.25 8.61 -27.77
CA THR C 160 -48.63 9.08 -27.81
C THR C 160 -49.61 7.95 -27.52
N ASP C 161 -49.21 6.70 -27.80
CA ASP C 161 -50.08 5.56 -27.52
C ASP C 161 -50.38 5.45 -26.03
N SER C 162 -49.45 5.89 -25.18
CA SER C 162 -49.69 5.89 -23.74
C SER C 162 -50.53 7.07 -23.28
N LEU C 163 -50.84 8.01 -24.17
CA LEU C 163 -51.64 9.18 -23.82
C LEU C 163 -53.08 8.97 -24.27
N GLN C 164 -53.75 8.06 -23.58
CA GLN C 164 -55.11 7.67 -23.92
C GLN C 164 -56.16 8.57 -23.27
N GLY C 165 -56.00 8.86 -21.98
CA GLY C 165 -56.97 9.63 -21.25
C GLY C 165 -57.02 11.11 -21.58
N GLY C 166 -57.65 11.46 -22.69
CA GLY C 166 -57.85 12.85 -23.03
C GLY C 166 -56.75 13.44 -23.89
N LYS C 167 -56.86 14.75 -24.12
CA LYS C 167 -55.88 15.51 -24.88
C LYS C 167 -55.30 16.68 -24.12
N LYS C 168 -55.69 16.86 -22.86
CA LYS C 168 -55.20 17.94 -22.01
C LYS C 168 -54.48 17.33 -20.82
N TYR C 169 -53.24 17.77 -20.56
CA TYR C 169 -52.39 17.12 -19.57
C TYR C 169 -51.58 18.16 -18.81
N LEU C 170 -51.15 17.77 -17.61
CA LEU C 170 -50.24 18.55 -16.79
C LEU C 170 -48.92 17.81 -16.66
N VAL C 171 -47.81 18.54 -16.79
CA VAL C 171 -46.47 17.96 -16.80
C VAL C 171 -45.55 18.77 -15.89
N TRP C 172 -44.93 18.10 -14.92
CA TRP C 172 -43.87 18.68 -14.11
C TRP C 172 -42.75 17.66 -13.95
N VAL C 173 -41.57 18.15 -13.57
CA VAL C 173 -40.35 17.35 -13.54
C VAL C 173 -39.72 17.41 -12.16
N GLN C 174 -39.26 16.27 -11.67
CA GLN C 174 -38.59 16.15 -10.38
C GLN C 174 -37.15 15.73 -10.60
N ALA C 175 -36.21 16.49 -10.04
CA ALA C 175 -34.78 16.21 -10.14
C ALA C 175 -34.25 15.83 -8.77
N ALA C 176 -33.45 14.77 -8.71
CA ALA C 176 -32.98 14.25 -7.43
C ALA C 176 -31.57 13.70 -7.58
N ASN C 177 -30.73 14.02 -6.59
CA ASN C 177 -29.45 13.35 -6.39
C ASN C 177 -29.21 13.22 -4.90
N ALA C 178 -28.05 12.66 -4.53
CA ALA C 178 -27.77 12.37 -3.13
C ALA C 178 -27.86 13.62 -2.25
N LEU C 179 -27.56 14.79 -2.80
CA LEU C 179 -27.48 16.01 -2.00
C LEU C 179 -28.79 16.78 -1.93
N GLY C 180 -29.77 16.49 -2.78
CA GLY C 180 -31.00 17.26 -2.74
C GLY C 180 -32.01 16.76 -3.74
N MET C 181 -33.14 17.48 -3.79
CA MET C 181 -34.28 17.09 -4.60
C MET C 181 -35.17 18.31 -4.79
N GLU C 182 -35.54 18.61 -6.04
CA GLU C 182 -36.35 19.77 -6.36
C GLU C 182 -37.42 19.38 -7.38
N GLU C 183 -38.40 20.28 -7.54
CA GLU C 183 -39.55 20.02 -8.39
C GLU C 183 -39.89 21.28 -9.18
N SER C 184 -40.36 21.08 -10.41
CA SER C 184 -40.69 22.16 -11.32
C SER C 184 -42.14 22.59 -11.16
N LYS C 185 -42.47 23.74 -11.74
CA LYS C 185 -43.86 24.16 -11.83
C LYS C 185 -44.61 23.32 -12.84
N GLN C 186 -45.93 23.23 -12.67
CA GLN C 186 -46.76 22.43 -13.56
C GLN C 186 -46.93 23.14 -14.89
N LEU C 187 -46.74 22.40 -15.98
CA LEU C 187 -46.96 22.88 -17.33
C LEU C 187 -48.11 22.11 -17.95
N GLN C 188 -49.13 22.83 -18.43
CA GLN C 188 -50.27 22.22 -19.08
C GLN C 188 -50.09 22.26 -20.59
N ILE C 189 -50.52 21.20 -21.26
CA ILE C 189 -50.34 21.04 -22.70
C ILE C 189 -51.66 20.62 -23.33
N HIS C 190 -51.80 20.93 -24.61
CA HIS C 190 -52.90 20.45 -25.44
C HIS C 190 -52.27 19.74 -26.63
N LEU C 191 -52.48 18.41 -26.72
CA LEU C 191 -51.77 17.59 -27.68
C LEU C 191 -51.97 18.05 -29.12
N ASP C 192 -52.97 18.89 -29.38
CA ASP C 192 -53.16 19.45 -30.71
C ASP C 192 -52.36 20.73 -30.94
N ASP C 193 -51.90 21.38 -29.87
CA ASP C 193 -51.21 22.66 -29.96
C ASP C 193 -49.70 22.55 -29.83
N ILE C 194 -49.16 21.35 -29.60
CA ILE C 194 -47.74 21.19 -29.32
C ILE C 194 -47.08 20.35 -30.41
N VAL C 195 -47.64 20.38 -31.60
CA VAL C 195 -47.10 19.63 -32.73
C VAL C 195 -46.18 20.54 -33.54
N ILE C 196 -45.04 20.01 -33.96
CA ILE C 196 -44.09 20.71 -34.81
C ILE C 196 -43.98 19.94 -36.11
N PRO C 197 -44.21 20.58 -37.27
CA PRO C 197 -44.17 19.85 -38.54
C PRO C 197 -42.77 19.32 -38.84
N SER C 198 -42.71 18.36 -39.76
CA SER C 198 -41.45 17.77 -40.16
C SER C 198 -40.53 18.84 -40.72
N ALA C 199 -39.22 18.53 -40.70
CA ALA C 199 -38.21 19.53 -41.03
C ALA C 199 -38.41 20.09 -42.42
N ALA C 200 -38.24 21.41 -42.54
CA ALA C 200 -38.24 22.10 -43.82
C ALA C 200 -36.80 22.44 -44.19
N VAL C 201 -36.41 22.11 -45.41
CA VAL C 201 -35.02 22.25 -45.84
C VAL C 201 -34.97 23.05 -47.13
N ILE C 202 -33.87 23.74 -47.34
CA ILE C 202 -33.64 24.53 -48.55
C ILE C 202 -32.94 23.64 -49.57
N SER C 203 -33.41 23.68 -50.82
CA SER C 203 -32.83 22.87 -51.89
C SER C 203 -31.71 23.63 -52.60
N ARG C 204 -32.07 24.64 -53.39
CA ARG C 204 -31.10 25.35 -54.20
C ARG C 204 -31.35 26.85 -54.08
N ALA C 205 -30.60 27.61 -54.88
CA ALA C 205 -30.77 29.06 -54.97
C ALA C 205 -30.37 29.48 -56.38
N GLU C 206 -31.35 29.90 -57.18
CA GLU C 206 -31.14 30.25 -58.57
C GLU C 206 -31.34 31.75 -58.78
N THR C 207 -30.51 32.33 -59.64
CA THR C 207 -30.63 33.74 -60.01
C THR C 207 -30.87 33.84 -61.51
N ILE C 208 -31.80 34.70 -61.91
CA ILE C 208 -32.23 34.83 -63.29
C ILE C 208 -31.67 36.13 -63.86
N ASN C 209 -31.20 36.08 -65.11
CA ASN C 209 -30.64 37.23 -65.81
C ASN C 209 -31.74 37.84 -66.66
N ALA C 210 -32.59 38.64 -66.01
CA ALA C 210 -33.71 39.29 -66.69
C ALA C 210 -33.74 40.75 -66.26
N THR C 211 -34.91 41.39 -66.45
CA THR C 211 -35.10 42.80 -66.16
C THR C 211 -34.54 43.19 -64.79
N VAL C 212 -34.90 42.42 -63.78
CA VAL C 212 -34.40 42.61 -62.41
C VAL C 212 -33.94 41.24 -61.93
N PRO C 213 -32.74 41.12 -61.36
CA PRO C 213 -32.26 39.78 -60.96
C PRO C 213 -33.11 39.15 -59.86
N LYS C 214 -33.80 38.06 -60.20
CA LYS C 214 -34.62 37.33 -59.25
C LYS C 214 -33.80 36.19 -58.65
N THR C 215 -33.75 36.12 -57.33
CA THR C 215 -33.09 35.03 -56.62
C THR C 215 -34.19 34.07 -56.14
N ILE C 216 -34.43 33.01 -56.92
CA ILE C 216 -35.46 32.03 -56.58
C ILE C 216 -34.87 31.06 -55.56
N ILE C 217 -35.60 30.86 -54.47
CA ILE C 217 -35.19 29.96 -53.39
C ILE C 217 -36.13 28.77 -53.40
N TYR C 218 -35.56 27.58 -53.57
CA TYR C 218 -36.32 26.34 -53.60
C TYR C 218 -36.18 25.64 -52.25
N TRP C 219 -37.32 25.34 -51.63
CA TRP C 219 -37.34 24.69 -50.33
C TRP C 219 -38.63 23.90 -50.21
N ASP C 220 -38.61 22.87 -49.35
CA ASP C 220 -39.72 21.93 -49.30
C ASP C 220 -39.71 21.20 -47.96
N SER C 221 -40.86 20.69 -47.59
CA SER C 221 -41.01 19.86 -46.40
C SER C 221 -42.05 18.78 -46.67
N GLN C 222 -41.92 17.66 -45.96
CA GLN C 222 -42.84 16.54 -46.13
C GLN C 222 -43.81 16.46 -44.97
N THR C 223 -44.65 17.47 -44.80
CA THR C 223 -45.58 17.54 -43.68
C THR C 223 -47.01 17.37 -44.17
N THR C 224 -47.80 16.60 -43.40
CA THR C 224 -49.21 16.40 -43.68
C THR C 224 -50.09 17.50 -43.09
N ILE C 225 -49.54 18.31 -42.18
CA ILE C 225 -50.32 19.37 -41.56
C ILE C 225 -50.80 20.36 -42.62
N GLU C 226 -52.02 20.86 -42.45
CA GLU C 226 -52.64 21.76 -43.43
C GLU C 226 -52.21 23.20 -43.18
N LYS C 227 -52.76 23.82 -42.13
CA LYS C 227 -52.46 25.21 -41.81
C LYS C 227 -51.03 25.31 -41.29
N VAL C 228 -50.15 25.94 -42.07
CA VAL C 228 -48.74 26.07 -41.73
C VAL C 228 -48.28 27.48 -42.08
N SER C 229 -47.64 28.15 -41.12
CA SER C 229 -46.97 29.42 -41.35
C SER C 229 -45.46 29.22 -41.26
N CYS C 230 -44.72 29.96 -42.08
CA CYS C 230 -43.28 29.86 -42.14
C CYS C 230 -42.65 31.24 -42.11
N GLU C 231 -41.34 31.26 -41.85
CA GLU C 231 -40.55 32.48 -41.87
C GLU C 231 -39.21 32.19 -42.51
N MET C 232 -38.67 33.19 -43.21
CA MET C 232 -37.39 33.06 -43.88
C MET C 232 -36.56 34.32 -43.64
N ARG C 233 -35.29 34.13 -43.29
CA ARG C 233 -34.38 35.22 -43.02
C ARG C 233 -33.32 35.29 -44.12
N TYR C 234 -32.92 36.51 -44.47
CA TYR C 234 -31.89 36.71 -45.49
C TYR C 234 -31.11 37.97 -45.18
N LYS C 235 -29.78 37.82 -45.09
CA LYS C 235 -28.89 38.93 -44.80
C LYS C 235 -27.64 38.80 -45.64
N ALA C 236 -27.06 39.93 -46.00
CA ALA C 236 -25.72 39.92 -46.59
C ALA C 236 -24.71 39.61 -45.50
N THR C 237 -23.80 38.67 -45.78
CA THR C 237 -22.86 38.23 -44.75
C THR C 237 -22.06 39.40 -44.19
N THR C 238 -21.78 40.41 -45.02
CA THR C 238 -21.10 41.61 -44.53
C THR C 238 -21.97 42.38 -43.56
N ASN C 239 -23.28 42.35 -43.76
CA ASN C 239 -24.21 43.04 -42.89
C ASN C 239 -24.35 42.27 -41.57
N GLN C 240 -25.02 42.90 -40.60
CA GLN C 240 -25.23 42.30 -39.28
C GLN C 240 -26.68 42.39 -38.84
N THR C 241 -27.61 42.64 -39.76
CA THR C 241 -29.02 42.71 -39.44
C THR C 241 -29.76 41.60 -40.20
N TRP C 242 -30.95 41.27 -39.72
CA TRP C 242 -31.76 40.20 -40.30
C TRP C 242 -32.99 40.79 -40.95
N ASN C 243 -33.19 40.49 -42.23
CA ASN C 243 -34.42 40.79 -42.95
C ASN C 243 -35.25 39.52 -43.06
N VAL C 244 -36.56 39.64 -42.82
CA VAL C 244 -37.44 38.48 -42.71
C VAL C 244 -38.70 38.71 -43.55
N LYS C 245 -39.22 37.60 -44.09
CA LYS C 245 -40.53 37.59 -44.73
C LYS C 245 -41.35 36.43 -44.19
N GLU C 246 -42.66 36.63 -44.11
CA GLU C 246 -43.58 35.63 -43.59
C GLU C 246 -44.41 35.04 -44.72
N PHE C 247 -44.70 33.75 -44.63
CA PHE C 247 -45.46 33.04 -45.66
C PHE C 247 -46.37 32.02 -45.01
N ASP C 248 -47.57 31.87 -45.56
CA ASP C 248 -48.52 30.82 -45.17
C ASP C 248 -48.46 29.77 -46.28
N THR C 249 -47.56 28.82 -46.14
CA THR C 249 -47.17 27.95 -47.25
C THR C 249 -48.04 26.70 -47.33
N ASN C 250 -48.13 26.15 -48.54
CA ASN C 250 -48.88 24.94 -48.85
C ASN C 250 -47.87 23.92 -49.36
N PHE C 251 -47.49 22.97 -48.51
CA PHE C 251 -46.40 22.06 -48.80
C PHE C 251 -46.80 20.91 -49.72
N THR C 252 -47.96 20.97 -50.37
CA THR C 252 -48.27 20.01 -51.42
C THR C 252 -47.23 20.07 -52.53
N TYR C 253 -46.76 21.27 -52.84
CA TYR C 253 -45.75 21.49 -53.87
C TYR C 253 -44.52 22.15 -53.26
N VAL C 254 -43.39 22.01 -53.96
CA VAL C 254 -42.17 22.67 -53.52
C VAL C 254 -42.34 24.17 -53.63
N GLN C 255 -41.99 24.89 -52.56
CA GLN C 255 -42.19 26.33 -52.53
C GLN C 255 -41.11 27.04 -53.34
N GLN C 256 -41.48 28.19 -53.88
CA GLN C 256 -40.56 29.07 -54.62
C GLN C 256 -40.78 30.49 -54.13
N SER C 257 -39.78 31.05 -53.45
CA SER C 257 -39.84 32.42 -52.97
C SER C 257 -39.02 33.31 -53.90
N GLU C 258 -39.66 34.35 -54.44
CA GLU C 258 -39.02 35.26 -55.39
C GLU C 258 -38.49 36.47 -54.62
N PHE C 259 -37.17 36.64 -54.63
CA PHE C 259 -36.51 37.74 -53.94
C PHE C 259 -35.79 38.62 -54.95
N TYR C 260 -35.95 39.93 -54.81
CA TYR C 260 -35.22 40.91 -55.60
C TYR C 260 -34.07 41.43 -54.76
N LEU C 261 -32.84 41.17 -55.22
CA LEU C 261 -31.65 41.38 -54.41
C LEU C 261 -30.61 42.10 -55.25
N GLU C 262 -29.48 42.42 -54.61
CA GLU C 262 -28.35 43.09 -55.21
C GLU C 262 -27.29 42.09 -55.67
N PRO C 263 -26.66 42.33 -56.81
CA PRO C 263 -25.70 41.37 -57.34
C PRO C 263 -24.38 41.38 -56.60
N ASN C 264 -23.66 40.26 -56.72
CA ASN C 264 -22.27 40.13 -56.29
C ASN C 264 -22.10 40.45 -54.81
N ILE C 265 -22.93 39.83 -53.97
CA ILE C 265 -22.81 39.86 -52.53
C ILE C 265 -23.15 38.48 -52.00
N LYS C 266 -22.49 38.07 -50.93
CA LYS C 266 -22.87 36.83 -50.28
C LYS C 266 -24.18 37.03 -49.50
N TYR C 267 -24.88 35.92 -49.27
CA TYR C 267 -26.17 35.96 -48.60
C TYR C 267 -26.30 34.72 -47.73
N VAL C 268 -27.27 34.76 -46.82
CA VAL C 268 -27.57 33.66 -45.92
C VAL C 268 -29.08 33.46 -45.90
N PHE C 269 -29.50 32.21 -45.73
CA PHE C 269 -30.91 31.87 -45.76
C PHE C 269 -31.22 30.80 -44.72
N GLN C 270 -32.32 31.00 -44.00
CA GLN C 270 -32.79 30.05 -43.01
C GLN C 270 -34.31 30.07 -42.99
N VAL C 271 -34.90 28.93 -42.65
CA VAL C 271 -36.35 28.79 -42.61
C VAL C 271 -36.76 28.09 -41.34
N ARG C 272 -37.98 28.39 -40.89
CA ARG C 272 -38.62 27.67 -39.79
C ARG C 272 -40.13 27.77 -40.00
N CYS C 273 -40.83 26.73 -39.58
CA CYS C 273 -42.27 26.67 -39.79
C CYS C 273 -42.96 26.15 -38.54
N GLN C 274 -44.27 26.37 -38.48
CA GLN C 274 -45.09 25.92 -37.37
C GLN C 274 -46.50 25.67 -37.87
N GLU C 275 -47.24 24.89 -37.12
CA GLU C 275 -48.68 24.81 -37.32
C GLU C 275 -49.29 26.15 -36.91
N THR C 276 -50.08 26.74 -37.81
CA THR C 276 -50.53 28.12 -37.63
C THR C 276 -51.26 28.30 -36.31
N GLY C 277 -50.85 29.31 -35.55
CA GLY C 277 -51.46 29.62 -34.27
C GLY C 277 -50.88 28.86 -33.10
N LYS C 278 -50.23 27.73 -33.34
CA LYS C 278 -49.71 26.90 -32.26
C LYS C 278 -48.54 27.61 -31.55
N ARG C 279 -48.12 27.03 -30.42
CA ARG C 279 -47.16 27.72 -29.57
C ARG C 279 -45.73 27.56 -30.07
N TYR C 280 -45.35 26.36 -30.52
CA TYR C 280 -43.97 26.05 -30.81
C TYR C 280 -43.65 26.17 -32.29
N TRP C 281 -42.39 26.53 -32.57
CA TRP C 281 -41.85 26.62 -33.92
C TRP C 281 -40.83 25.51 -34.14
N GLN C 282 -40.42 25.35 -35.40
CA GLN C 282 -39.24 24.58 -35.71
C GLN C 282 -38.01 25.37 -35.28
N PRO C 283 -36.88 24.68 -35.08
CA PRO C 283 -35.61 25.40 -34.99
C PRO C 283 -35.21 25.95 -36.34
N TRP C 284 -34.41 27.01 -36.33
CA TRP C 284 -33.96 27.60 -37.58
C TRP C 284 -33.09 26.60 -38.34
N SER C 285 -33.38 26.45 -39.63
CA SER C 285 -32.63 25.50 -40.46
C SER C 285 -31.16 25.89 -40.54
N SER C 286 -30.35 24.95 -40.99
CA SER C 286 -28.92 25.20 -41.10
C SER C 286 -28.67 26.32 -42.11
N PRO C 287 -27.70 27.19 -41.86
CA PRO C 287 -27.49 28.34 -42.75
C PRO C 287 -27.15 27.91 -44.17
N PHE C 288 -27.78 28.57 -45.14
CA PHE C 288 -27.64 28.28 -46.56
C PHE C 288 -27.06 29.51 -47.24
N PHE C 289 -25.82 29.40 -47.71
CA PHE C 289 -25.14 30.51 -48.34
C PHE C 289 -25.41 30.52 -49.85
N HIS C 290 -25.28 31.70 -50.46
CA HIS C 290 -25.52 31.85 -51.89
C HIS C 290 -24.96 33.19 -52.35
N LYS C 291 -23.91 33.14 -53.18
CA LYS C 291 -23.42 34.33 -53.85
C LYS C 291 -24.23 34.60 -55.11
N THR C 292 -24.51 35.88 -55.38
CA THR C 292 -25.28 36.23 -56.55
C THR C 292 -24.36 36.56 -57.72
N PRO C 293 -24.82 36.35 -58.97
CA PRO C 293 -24.05 36.67 -60.18
C PRO C 293 -23.67 38.14 -60.27
N SER D 1 28.92 -0.72 32.43
CA SER D 1 28.92 -0.29 33.82
C SER D 1 27.84 -1.01 34.63
N GLU D 2 28.23 -1.56 35.77
CA GLU D 2 27.34 -2.32 36.64
C GLU D 2 27.52 -1.87 38.07
N CYS D 3 26.41 -1.69 38.78
CA CYS D 3 26.44 -1.14 40.13
C CYS D 3 26.89 -2.20 41.12
N CYS D 4 28.00 -1.93 41.81
CA CYS D 4 28.50 -2.81 42.87
C CYS D 4 27.83 -2.43 44.18
N PHE D 5 27.26 -3.42 44.86
CA PHE D 5 26.42 -3.18 46.02
C PHE D 5 27.18 -3.25 47.35
N GLN D 6 28.50 -3.23 47.32
CA GLN D 6 29.28 -3.23 48.55
C GLN D 6 29.59 -1.77 48.93
N ASP D 7 30.56 -1.57 49.82
CA ASP D 7 30.85 -0.24 50.32
C ASP D 7 31.98 0.42 49.52
N PRO D 8 31.96 1.75 49.44
CA PRO D 8 33.04 2.45 48.73
C PRO D 8 34.34 2.37 49.51
N PRO D 9 35.47 2.47 48.83
CA PRO D 9 36.78 2.30 49.49
C PRO D 9 37.29 3.59 50.14
N TYR D 10 36.49 4.16 51.04
CA TYR D 10 36.90 5.34 51.78
C TYR D 10 35.95 5.53 52.96
N PRO D 11 36.35 6.30 53.97
CA PRO D 11 35.47 6.54 55.11
C PRO D 11 34.46 7.64 54.84
N ASP D 12 33.25 7.45 55.36
CA ASP D 12 32.20 8.44 55.19
C ASP D 12 32.48 9.68 56.02
N ALA D 13 32.32 10.85 55.42
CA ALA D 13 32.55 12.11 56.10
C ALA D 13 31.80 13.25 55.42
N SER D 17 34.08 19.02 54.26
CA SER D 17 34.60 20.26 53.67
C SER D 17 33.62 20.83 52.65
N ALA D 18 33.78 22.12 52.33
CA ALA D 18 32.85 22.77 51.43
C ALA D 18 33.13 22.45 49.97
N SER D 19 34.40 22.26 49.60
CA SER D 19 34.74 21.92 48.22
C SER D 19 34.19 20.54 47.87
N GLY D 20 33.80 20.39 46.60
CA GLY D 20 33.29 19.13 46.11
C GLY D 20 32.46 19.25 44.86
N PRO D 21 31.85 18.15 44.43
CA PRO D 21 31.02 18.16 43.23
C PRO D 21 29.67 18.83 43.49
N ARG D 22 28.93 19.04 42.41
CA ARG D 22 27.67 19.77 42.50
C ARG D 22 26.86 19.56 41.23
N ASP D 23 25.56 19.83 41.35
CA ASP D 23 24.62 19.91 40.23
C ASP D 23 24.56 18.57 39.47
N LEU D 24 23.98 17.59 40.15
CA LEU D 24 23.82 16.24 39.60
C LEU D 24 22.54 16.18 38.78
N ARG D 25 22.67 15.82 37.50
CA ARG D 25 21.54 15.75 36.58
C ARG D 25 21.57 14.41 35.86
N CYS D 26 20.45 13.69 35.93
CA CYS D 26 20.30 12.40 35.26
C CYS D 26 18.98 12.38 34.50
N TYR D 27 19.03 11.94 33.25
CA TYR D 27 17.84 11.78 32.42
C TYR D 27 17.88 10.41 31.74
N ARG D 28 16.86 10.14 30.93
CA ARG D 28 16.76 8.91 30.15
C ARG D 28 17.13 9.24 28.70
N ILE D 29 18.29 8.74 28.26
CA ILE D 29 18.81 9.12 26.94
C ILE D 29 18.33 8.20 25.83
N SER D 30 17.92 6.97 26.14
CA SER D 30 17.44 6.03 25.14
C SER D 30 16.21 5.33 25.69
N SER D 31 15.79 4.25 25.02
CA SER D 31 14.64 3.48 25.50
C SER D 31 14.97 2.73 26.78
N ASP D 32 16.25 2.38 26.98
CA ASP D 32 16.65 1.63 28.16
C ASP D 32 18.02 2.04 28.71
N ARG D 33 18.65 3.06 28.14
CA ARG D 33 19.94 3.53 28.62
C ARG D 33 19.80 4.94 29.21
N TYR D 34 20.65 5.23 30.18
CA TYR D 34 20.58 6.47 30.93
C TYR D 34 21.97 7.10 31.04
N GLU D 35 21.97 8.39 31.38
CA GLU D 35 23.20 9.17 31.46
C GLU D 35 23.12 10.10 32.67
N CYS D 36 24.25 10.28 33.35
CA CYS D 36 24.31 11.12 34.54
C CYS D 36 25.50 12.07 34.41
N SER D 37 25.23 13.36 34.52
CA SER D 37 26.24 14.39 34.40
C SER D 37 26.30 15.22 35.68
N TRP D 38 27.52 15.55 36.10
CA TRP D 38 27.75 16.41 37.25
C TRP D 38 28.97 17.26 36.99
N GLN D 39 29.19 18.24 37.88
CA GLN D 39 30.31 19.15 37.76
C GLN D 39 31.08 19.16 39.08
N TYR D 40 32.37 19.48 38.99
CA TYR D 40 33.26 19.46 40.14
C TYR D 40 33.88 20.84 40.32
N GLU D 41 33.90 21.33 41.56
CA GLU D 41 34.50 22.62 41.90
C GLU D 41 35.86 22.35 42.54
N GLY D 42 36.93 22.58 41.78
CA GLY D 42 38.27 22.37 42.28
C GLY D 42 39.16 21.69 41.26
N PRO D 43 40.43 21.49 41.62
CA PRO D 43 41.36 20.80 40.71
C PRO D 43 40.98 19.33 40.55
N THR D 44 41.12 18.83 39.32
CA THR D 44 40.73 17.47 38.97
C THR D 44 41.90 16.50 39.00
N ALA D 45 42.97 16.82 39.74
CA ALA D 45 44.14 15.96 39.84
C ALA D 45 43.91 14.92 40.93
N GLY D 46 43.89 13.65 40.55
CA GLY D 46 43.69 12.56 41.48
C GLY D 46 42.29 12.40 42.02
N VAL D 47 41.31 13.09 41.43
CA VAL D 47 39.93 13.01 41.90
C VAL D 47 39.25 11.80 41.26
N SER D 48 38.60 10.99 42.09
CA SER D 48 37.81 9.85 41.63
C SER D 48 36.37 10.06 42.06
N HIS D 49 35.44 9.96 41.11
CA HIS D 49 34.03 10.13 41.40
C HIS D 49 33.34 8.78 41.50
N PHE D 50 32.32 8.73 42.35
CA PHE D 50 31.56 7.50 42.57
C PHE D 50 30.10 7.87 42.75
N LEU D 51 29.26 7.39 41.84
CA LEU D 51 27.83 7.66 41.87
C LEU D 51 27.13 6.56 42.66
N ARG D 52 26.52 6.93 43.79
CA ARG D 52 25.84 5.98 44.64
C ARG D 52 24.33 6.08 44.48
N CYS D 53 23.66 4.94 44.65
CA CYS D 53 22.23 4.86 44.42
C CYS D 53 21.62 3.86 45.40
N CYS D 54 20.45 4.19 45.93
CA CYS D 54 19.76 3.37 46.91
C CYS D 54 18.39 2.97 46.38
N LEU D 55 18.08 1.68 46.45
CA LEU D 55 16.83 1.15 45.92
C LEU D 55 15.70 1.31 46.93
N SER D 56 14.52 0.80 46.58
CA SER D 56 13.36 0.92 47.46
C SER D 56 13.46 -0.01 48.66
N SER D 57 14.20 -1.12 48.54
CA SER D 57 14.35 -2.06 49.63
C SER D 57 15.35 -1.59 50.69
N GLY D 58 16.05 -0.47 50.46
CA GLY D 58 17.07 0.00 51.35
C GLY D 58 18.48 -0.37 50.95
N ARG D 59 18.64 -1.33 50.03
CA ARG D 59 19.97 -1.70 49.56
C ARG D 59 20.55 -0.58 48.70
N CYS D 60 21.85 -0.33 48.87
CA CYS D 60 22.53 0.75 48.19
C CYS D 60 23.78 0.24 47.48
N CYS D 61 24.06 0.80 46.31
CA CYS D 61 25.19 0.40 45.49
C CYS D 61 25.92 1.64 44.99
N TYR D 62 27.04 1.43 44.31
CA TYR D 62 27.87 2.53 43.82
C TYR D 62 28.45 2.18 42.46
N PHE D 63 28.68 3.22 41.66
CA PHE D 63 29.36 3.13 40.37
C PHE D 63 30.74 3.74 40.49
N ALA D 64 31.76 3.00 40.04
CA ALA D 64 33.12 3.51 39.99
C ALA D 64 33.29 4.28 38.68
N ALA D 65 33.26 5.61 38.77
CA ALA D 65 33.38 6.46 37.58
C ALA D 65 34.82 6.80 37.24
N GLY D 66 35.76 6.53 38.12
CA GLY D 66 37.14 6.92 37.86
C GLY D 66 37.25 8.43 37.86
N SER D 67 38.12 8.94 36.98
CA SER D 67 38.29 10.38 36.83
C SER D 67 37.17 11.03 36.03
N ALA D 68 36.29 10.24 35.42
CA ALA D 68 35.26 10.79 34.55
C ALA D 68 34.19 11.52 35.36
N THR D 69 33.65 12.58 34.78
CA THR D 69 32.56 13.34 35.35
C THR D 69 31.24 13.08 34.64
N ARG D 70 31.11 11.93 34.00
CA ARG D 70 29.89 11.55 33.30
C ARG D 70 29.85 10.04 33.18
N LEU D 71 28.71 9.44 33.51
CA LEU D 71 28.59 7.99 33.55
C LEU D 71 27.26 7.55 32.97
N GLN D 72 27.29 6.47 32.20
CA GLN D 72 26.09 5.86 31.62
C GLN D 72 25.94 4.44 32.15
N PHE D 73 24.70 3.93 32.05
CA PHE D 73 24.41 2.59 32.54
C PHE D 73 23.11 2.11 31.93
N SER D 74 22.95 0.80 31.84
CA SER D 74 21.75 0.17 31.31
C SER D 74 20.75 -0.06 32.44
N ASP D 75 19.61 -0.66 32.09
CA ASP D 75 18.55 -0.91 33.06
C ASP D 75 18.71 -2.22 33.82
N GLN D 76 19.81 -2.94 33.60
CA GLN D 76 20.08 -4.18 34.32
C GLN D 76 21.34 -4.10 35.17
N ALA D 77 21.86 -2.89 35.40
CA ALA D 77 23.03 -2.71 36.26
C ALA D 77 22.69 -2.79 37.74
N GLY D 78 21.41 -2.86 38.10
CA GLY D 78 20.97 -2.95 39.47
C GLY D 78 20.21 -1.74 39.98
N VAL D 79 20.14 -0.67 39.20
CA VAL D 79 19.45 0.55 39.59
C VAL D 79 18.04 0.51 39.03
N SER D 80 17.05 0.66 39.91
CA SER D 80 15.65 0.64 39.49
C SER D 80 15.25 1.98 38.87
N VAL D 81 14.50 1.90 37.78
CA VAL D 81 14.11 3.10 37.04
C VAL D 81 12.63 3.40 37.15
N LEU D 82 11.79 2.43 37.54
CA LEU D 82 10.36 2.66 37.67
C LEU D 82 9.97 3.22 39.02
N TYR D 83 10.88 3.23 39.99
CA TYR D 83 10.58 3.70 41.34
C TYR D 83 11.68 4.64 41.81
N THR D 84 11.38 5.38 42.87
CA THR D 84 12.26 6.45 43.31
C THR D 84 13.55 5.91 43.89
N VAL D 85 14.67 6.58 43.56
CA VAL D 85 15.99 6.24 44.06
C VAL D 85 16.67 7.52 44.53
N THR D 86 17.79 7.35 45.23
CA THR D 86 18.56 8.46 45.78
C THR D 86 19.95 8.46 45.15
N LEU D 87 20.34 9.60 44.57
CA LEU D 87 21.59 9.73 43.85
C LEU D 87 22.44 10.83 44.44
N TRP D 88 23.76 10.61 44.47
CA TRP D 88 24.72 11.65 44.82
C TRP D 88 26.10 11.20 44.37
N VAL D 89 26.99 12.18 44.21
CA VAL D 89 28.35 11.96 43.73
C VAL D 89 29.32 12.18 44.87
N GLU D 90 30.21 11.23 45.10
CA GLU D 90 31.26 11.35 46.10
C GLU D 90 32.62 11.33 45.41
N SER D 91 33.49 12.24 45.84
CA SER D 91 34.80 12.42 45.23
C SER D 91 35.87 12.32 46.29
N TRP D 92 36.89 11.49 46.04
CA TRP D 92 38.01 11.33 46.95
C TRP D 92 39.28 11.79 46.25
N ALA D 93 39.66 13.04 46.48
CA ALA D 93 40.92 13.58 45.96
C ALA D 93 42.02 13.42 47.01
N ARG D 94 41.92 14.16 48.10
CA ARG D 94 42.91 14.08 49.17
C ARG D 94 42.26 14.46 50.50
N ASN D 95 42.79 13.88 51.57
CA ASN D 95 42.41 14.15 52.95
C ASN D 95 41.01 13.63 53.31
N GLN D 96 39.97 14.12 52.65
CA GLN D 96 38.60 13.79 53.05
C GLN D 96 37.71 13.61 51.83
N THR D 97 36.47 13.21 52.10
CA THR D 97 35.48 12.92 51.07
C THR D 97 34.65 14.16 50.78
N GLU D 98 34.25 14.31 49.52
CA GLU D 98 33.45 15.43 49.06
C GLU D 98 32.17 14.91 48.40
N LYS D 99 31.07 15.62 48.60
CA LYS D 99 29.77 15.16 48.13
C LYS D 99 29.07 16.27 47.35
N SER D 100 28.16 15.86 46.47
CA SER D 100 27.31 16.74 45.69
C SER D 100 25.93 16.85 46.33
N PRO D 101 25.14 17.85 45.94
CA PRO D 101 23.76 17.92 46.44
C PRO D 101 22.97 16.68 46.05
N GLU D 102 21.98 16.36 46.89
CA GLU D 102 21.16 15.18 46.68
C GLU D 102 20.11 15.42 45.60
N VAL D 103 19.91 14.43 44.75
CA VAL D 103 18.89 14.46 43.72
C VAL D 103 18.16 13.12 43.74
N THR D 104 16.83 13.17 43.92
CA THR D 104 16.02 11.96 43.98
C THR D 104 14.82 12.12 43.06
N LEU D 105 14.58 11.11 42.22
CA LEU D 105 13.50 11.15 41.24
C LEU D 105 13.31 9.75 40.67
N GLN D 106 12.21 9.59 39.95
CA GLN D 106 11.95 8.37 39.19
C GLN D 106 12.60 8.50 37.81
N LEU D 107 13.50 7.58 37.49
CA LEU D 107 14.35 7.76 36.31
C LEU D 107 13.59 7.60 35.00
N TYR D 108 12.52 6.79 34.99
CA TYR D 108 11.86 6.47 33.73
C TYR D 108 11.26 7.70 33.09
N ASN D 109 10.52 8.51 33.86
CA ASN D 109 9.84 9.69 33.34
C ASN D 109 10.75 10.91 33.21
N SER D 110 12.06 10.73 33.10
CA SER D 110 12.97 11.85 32.95
C SER D 110 13.24 12.19 31.49
N VAL D 111 12.44 11.65 30.57
CA VAL D 111 12.69 11.84 29.15
C VAL D 111 12.69 13.32 28.82
N LYS D 112 13.76 13.77 28.16
CA LYS D 112 13.93 15.17 27.79
C LYS D 112 14.94 15.30 26.67
C1 NAG E . 11.79 5.76 10.14
C2 NAG E . 11.43 6.63 8.92
C3 NAG E . 11.92 8.06 9.13
C4 NAG E . 11.34 8.60 10.44
C5 NAG E . 11.72 7.69 11.59
C6 NAG E . 11.12 8.11 12.91
C7 NAG E . 13.17 5.59 7.46
C8 NAG E . 13.45 5.08 6.08
N2 NAG E . 11.94 6.09 7.66
O3 NAG E . 11.52 8.87 8.03
O4 NAG E . 11.81 9.91 10.73
O5 NAG E . 11.26 6.36 11.33
O6 NAG E . 11.67 9.33 13.37
O7 NAG E . 14.01 5.54 8.35
C1 NAG E . 10.91 10.96 10.31
C2 NAG E . 9.92 11.36 11.40
C3 NAG E . 9.14 12.62 10.99
C4 NAG E . 10.05 13.73 10.49
C5 NAG E . 11.04 13.18 9.45
C6 NAG E . 12.13 14.14 9.04
C7 NAG E . 8.21 10.22 12.76
C8 NAG E . 7.33 9.00 12.87
N2 NAG E . 9.00 10.27 11.69
O3 NAG E . 8.37 13.09 12.10
O4 NAG E . 9.20 14.73 9.94
O5 NAG E . 11.73 12.05 10.00
O6 NAG E . 13.03 14.40 10.12
O7 NAG E . 8.18 11.11 13.60
C1 BMA E . 9.71 16.09 9.79
C2 BMA E . 8.60 17.13 9.96
C3 BMA E . 9.17 18.43 9.43
C4 BMA E . 10.59 18.79 10.03
C5 BMA E . 11.50 17.54 10.30
C6 BMA E . 12.59 17.81 11.34
O2 BMA E . 8.31 17.35 11.33
O3 BMA E . 8.29 19.52 9.64
O4 BMA E . 11.27 19.66 9.14
O5 BMA E . 10.73 16.41 10.75
O6 BMA E . 13.47 16.69 11.36
C1 NAG F . -36.76 10.77 -29.42
C2 NAG F . -35.34 10.22 -29.21
C3 NAG F . -34.35 10.87 -30.19
C4 NAG F . -34.89 10.88 -31.61
C5 NAG F . -36.31 11.44 -31.64
C6 NAG F . -36.94 11.40 -33.01
C7 NAG F . -33.75 10.06 -27.32
C8 NAG F . -33.52 10.41 -25.89
N2 NAG F . -34.92 10.45 -27.84
O3 NAG F . -33.14 10.14 -30.17
O4 NAG F . -34.07 11.73 -32.42
O5 NAG F . -37.13 10.65 -30.78
O6 NAG F . -38.23 12.00 -32.99
O7 NAG F . -32.91 9.46 -27.99
C1 NAG F . -33.14 11.01 -33.27
C2 NAG F . -31.76 11.60 -33.03
C3 NAG F . -30.72 10.91 -33.91
C4 NAG F . -30.77 9.40 -33.68
C5 NAG F . -32.20 8.88 -33.87
C6 NAG F . -32.33 7.41 -33.53
C7 NAG F . -32.06 13.64 -34.42
C8 NAG F . -31.97 15.13 -34.44
N2 NAG F . -31.75 13.05 -33.26
O3 NAG F . -29.43 11.40 -33.60
O4 NAG F . -29.91 8.74 -34.60
O5 NAG F . -33.11 9.58 -33.01
O6 NAG F . -33.66 6.95 -33.74
O7 NAG F . -32.38 13.00 -35.42
C1 NAG G . 6.54 -13.40 22.08
C2 NAG G . 5.79 -14.73 22.24
C3 NAG G . 4.47 -14.57 23.01
C4 NAG G . 4.65 -13.73 24.27
C5 NAG G . 5.30 -12.42 23.88
C6 NAG G . 5.49 -11.47 25.05
C7 NAG G . 4.92 -16.49 20.72
C8 NAG G . 4.75 -16.88 19.29
N2 NAG G . 5.53 -15.32 20.93
O3 NAG G . 3.97 -15.84 23.39
O4 NAG G . 3.40 -13.48 24.89
O5 NAG G . 6.59 -12.70 23.34
O6 NAG G . 5.16 -12.09 26.27
O7 NAG G . 4.53 -17.21 21.64
C1 NAG H . -10.97 5.66 21.26
C2 NAG H . -12.33 5.16 20.74
C3 NAG H . -13.20 4.65 21.89
C4 NAG H . -12.43 3.65 22.73
C5 NAG H . -11.09 4.24 23.17
C6 NAG H . -10.23 3.26 23.94
C7 NAG H . -13.22 6.20 18.68
C8 NAG H . -13.96 7.36 18.11
N2 NAG H . -13.03 6.22 20.01
O3 NAG H . -14.37 4.06 21.36
O4 NAG H . -13.19 3.30 23.88
O5 NAG H . -10.34 4.64 22.02
O6 NAG H . -9.48 3.93 24.95
O7 NAG H . -12.81 5.27 17.99
C1 NAG I . -28.17 45.93 -43.59
C2 NAG I . -28.37 46.76 -44.86
C3 NAG I . -29.35 47.90 -44.59
C4 NAG I . -30.65 47.35 -44.02
C5 NAG I . -30.36 46.50 -42.78
C6 NAG I . -31.60 45.83 -42.24
C7 NAG I . -26.90 47.56 -46.65
C8 NAG I . -25.53 48.08 -47.00
N2 NAG I . -27.11 47.28 -45.36
O3 NAG I . -29.61 48.60 -45.81
O4 NAG I . -31.51 48.43 -43.66
O5 NAG I . -29.43 45.46 -43.11
O6 NAG I . -32.55 45.55 -43.26
O7 NAG I . -27.76 47.40 -47.51
C1 NAG J . -39.67 7.29 -29.63
C2 NAG J . -38.82 7.66 -30.87
C3 NAG J . -37.68 6.65 -31.10
C4 NAG J . -36.93 6.40 -29.81
C5 NAG J . -37.89 6.05 -28.67
C6 NAG J . -37.23 5.68 -27.35
C7 NAG J . -40.33 6.90 -32.75
C8 NAG J . -40.37 5.52 -32.17
N2 NAG J . -39.62 7.84 -32.09
O3 NAG J . -36.80 7.14 -32.12
O4 NAG J . -36.00 5.34 -29.99
O5 NAG J . -38.80 7.15 -28.45
O6 NAG J . -36.24 4.66 -27.54
O7 NAG J . -40.95 7.15 -33.78
C1 NAG K . -12.61 25.18 6.19
C2 NAG K . -13.59 26.29 5.81
C3 NAG K . -12.84 27.61 5.66
C4 NAG K . -12.03 27.91 6.92
C5 NAG K . -11.13 26.73 7.26
C6 NAG K . -10.38 26.91 8.57
C7 NAG K . -15.57 25.53 4.59
C8 NAG K . -16.17 25.24 3.25
N2 NAG K . -14.31 25.97 4.60
O3 NAG K . -13.78 28.66 5.43
O4 NAG K . -11.23 29.07 6.71
O5 NAG K . -11.91 25.53 7.39
O6 NAG K . -10.29 25.68 9.27
O7 NAG K . -16.21 25.38 5.63
#